data_7PQY
#
_entry.id   7PQY
#
_cell.length_a   172.651
_cell.length_b   147.159
_cell.length_c   100.803
_cell.angle_alpha   90.000
_cell.angle_beta   123.798
_cell.angle_gamma   90.000
#
_symmetry.space_group_name_H-M   'C 1 2 1'
#
loop_
_entity.id
_entity.type
_entity.pdbx_description
1 polymer 'Spike protein S1'
2 polymer 'FI-3A Fab heavy chain'
3 polymer 'FI-3A Fab light chain'
4 branched 2-acetamido-2-deoxy-beta-D-glucopyranose-(1-4)-[alpha-L-fucopyranose-(1-6)]2-acetamido-2-deoxy-beta-D-glucopyranose
#
loop_
_entity_poly.entity_id
_entity_poly.type
_entity_poly.pdbx_seq_one_letter_code
_entity_poly.pdbx_strand_id
1 'polypeptide(L)'
;ETGHHHHHHTNLCPFGEVFNATRFASVYAWNRKRISNCVADYSVLYNSASFSTFKCYGVSPTKLNDLCFTNVYADSFVIR
GDEVRQIAPGQTGKIADYNYKLPDDFTGCVIAWNSNNLDSKVGGNYNYLYRLFRKSNLKPFERDISTEIYQAGSTPCNGV
EGFNCYFPLQSYGFQPTNGVGYQPYRVVVLSFELLHAPATVCGKK
;
E,A
2 'polypeptide(L)'
;EVQLLESGGGLIQPGGSLRLSCAASGFTVSSNYMSWVRQAPGKGLEWVSVIYSGGSTYYADSVKGRFTISRDNSKNTLYL
QMNSLRAEDTAVYYCARDHVRPGMNIWGQGTMVTVSSASTKGPSVFPLAPSSKSTSGGTAALGCLVKDYFPEPVTVSWNS
GALTSGVHTFPAVLQSSGLYSLSSVVTVPSSSLGTQTYICNVNHKPSNTKVDKKVEPKSCDK
;
H,B
3 'polypeptide(L)'
;AIRMTQSPSSLSASVGDRVTITCQASQDISNYLNWYQQKPGKAPKLLIYDASNLETGVPSRFSGSGSGTDFTFTISSLQP
EDIATYYCQQYDNLPVTFGGGTKVDIKRTVAAPSVFIFPPSDEQLKSGTASVVCLLNNFYPREAKVQWKVDNALQSGNSQ
ESVTEQDSKDSTYSLSSTLTLSKADYEKHKVYACEVTHQGLSSPVTKSFNRGEC
;
L,C
#
loop_
_chem_comp.id
_chem_comp.type
_chem_comp.name
_chem_comp.formula
FUC L-saccharide, alpha linking alpha-L-fucopyranose 'C6 H12 O5'
NAG D-saccharide, beta linking 2-acetamido-2-deoxy-beta-D-glucopyranose 'C8 H15 N O6'
#
# COMPACT_ATOMS: atom_id res chain seq x y z
N ASN A 11 -5.07 31.77 -52.37
CA ASN A 11 -4.08 30.71 -52.27
C ASN A 11 -4.21 29.96 -50.94
N LEU A 12 -3.78 28.71 -50.93
CA LEU A 12 -3.97 27.81 -49.81
C LEU A 12 -2.66 27.61 -49.04
N CYS A 13 -2.79 27.33 -47.75
CA CYS A 13 -1.61 27.20 -46.90
C CYS A 13 -0.80 25.98 -47.28
N PRO A 14 0.54 26.05 -47.22
CA PRO A 14 1.42 24.94 -47.62
C PRO A 14 1.59 23.87 -46.55
N PHE A 15 0.47 23.34 -46.06
CA PHE A 15 0.53 22.26 -45.09
C PHE A 15 1.00 20.95 -45.72
N GLY A 16 0.69 20.74 -47.01
CA GLY A 16 1.13 19.53 -47.68
C GLY A 16 2.64 19.41 -47.75
N GLU A 17 3.34 20.54 -47.72
CA GLU A 17 4.80 20.52 -47.73
C GLU A 17 5.36 19.93 -46.43
N VAL A 18 4.68 20.17 -45.31
CA VAL A 18 5.23 19.77 -44.01
C VAL A 18 4.98 18.30 -43.73
N PHE A 19 3.71 17.88 -43.81
CA PHE A 19 3.37 16.49 -43.48
C PHE A 19 3.94 15.52 -44.51
N ASN A 20 3.78 15.83 -45.79
CA ASN A 20 4.29 15.00 -46.87
C ASN A 20 5.74 15.34 -47.23
N ALA A 21 6.51 15.86 -46.28
CA ALA A 21 7.91 16.14 -46.54
C ALA A 21 8.69 14.84 -46.68
N THR A 22 9.75 14.87 -47.48
CA THR A 22 10.52 13.66 -47.74
C THR A 22 11.52 13.40 -46.62
N ARG A 23 12.17 14.44 -46.11
CA ARG A 23 13.11 14.33 -45.02
C ARG A 23 12.62 15.11 -43.82
N PHE A 24 12.74 14.52 -42.63
CA PHE A 24 12.41 15.18 -41.39
C PHE A 24 13.70 15.47 -40.62
N ALA A 25 13.64 16.49 -39.77
CA ALA A 25 14.83 16.91 -39.03
C ALA A 25 14.94 16.15 -37.72
N SER A 26 16.17 16.08 -37.20
CA SER A 26 16.38 15.55 -35.86
C SER A 26 15.76 16.48 -34.84
N VAL A 27 15.34 15.90 -33.71
CA VAL A 27 14.51 16.65 -32.76
C VAL A 27 15.28 17.81 -32.14
N TYR A 28 16.59 17.64 -31.90
CA TYR A 28 17.35 18.73 -31.30
C TYR A 28 17.43 19.92 -32.25
N ALA A 29 17.56 19.67 -33.54
CA ALA A 29 17.58 20.72 -34.57
C ALA A 29 16.25 20.77 -35.30
N TRP A 30 15.16 20.84 -34.53
CA TRP A 30 13.84 20.74 -35.11
C TRP A 30 13.59 21.90 -36.07
N ASN A 31 12.89 21.60 -37.16
CA ASN A 31 12.65 22.56 -38.23
C ASN A 31 11.39 23.36 -37.93
N ARG A 32 11.40 24.63 -38.32
CA ARG A 32 10.26 25.51 -38.11
C ARG A 32 9.86 26.16 -39.43
N LYS A 33 8.59 26.02 -39.78
CA LYS A 33 8.00 26.69 -40.94
C LYS A 33 7.02 27.76 -40.46
N ARG A 34 7.16 28.96 -40.99
CA ARG A 34 6.30 30.08 -40.66
C ARG A 34 5.21 30.20 -41.71
N ILE A 35 3.96 30.01 -41.31
CA ILE A 35 2.81 29.98 -42.21
C ILE A 35 2.04 31.29 -42.06
N SER A 36 1.86 32.00 -43.17
CA SER A 36 1.19 33.29 -43.15
C SER A 36 0.54 33.56 -44.49
N ASN A 37 -0.53 34.36 -44.46
CA ASN A 37 -1.23 34.85 -45.66
C ASN A 37 -1.68 33.70 -46.55
N CYS A 38 -2.66 32.95 -46.04
CA CYS A 38 -3.18 31.80 -46.76
C CYS A 38 -4.46 31.31 -46.09
N VAL A 39 -5.30 30.65 -46.89
CA VAL A 39 -6.54 30.05 -46.41
C VAL A 39 -6.24 28.60 -46.01
N ALA A 40 -6.38 28.30 -44.72
CA ALA A 40 -5.98 27.01 -44.18
C ALA A 40 -7.16 26.03 -44.21
N ASP A 41 -6.97 24.91 -44.90
CA ASP A 41 -7.98 23.85 -44.97
C ASP A 41 -7.56 22.76 -43.98
N TYR A 42 -8.06 22.86 -42.75
CA TYR A 42 -7.73 21.89 -41.71
C TYR A 42 -8.46 20.57 -41.86
N SER A 43 -9.41 20.46 -42.80
CA SER A 43 -10.14 19.21 -42.99
C SER A 43 -9.25 18.11 -43.54
N VAL A 44 -8.17 18.47 -44.24
CA VAL A 44 -7.24 17.48 -44.79
C VAL A 44 -6.56 16.69 -43.69
N LEU A 45 -6.59 17.18 -42.45
CA LEU A 45 -5.82 16.59 -41.37
C LEU A 45 -6.68 15.78 -40.39
N TYR A 46 -7.69 16.40 -39.77
CA TYR A 46 -8.47 15.66 -38.78
C TYR A 46 -9.36 14.59 -39.40
N ASN A 47 -9.48 14.56 -40.73
CA ASN A 47 -10.19 13.50 -41.43
C ASN A 47 -9.26 12.44 -41.99
N SER A 48 -7.99 12.44 -41.56
CA SER A 48 -7.00 11.47 -42.03
C SER A 48 -6.85 10.34 -41.01
N ALA A 49 -6.99 9.10 -41.49
CA ALA A 49 -6.86 7.94 -40.63
C ALA A 49 -5.44 7.41 -40.54
N SER A 50 -4.46 8.18 -41.01
CA SER A 50 -3.05 7.76 -41.01
C SER A 50 -2.26 8.37 -39.86
N PHE A 51 -2.93 8.94 -38.87
CA PHE A 51 -2.28 9.60 -37.75
C PHE A 51 -2.60 8.87 -36.45
N SER A 52 -1.56 8.55 -35.69
CA SER A 52 -1.73 7.83 -34.43
C SER A 52 -1.86 8.74 -33.22
N THR A 53 -1.37 9.98 -33.30
CA THR A 53 -1.49 10.93 -32.21
C THR A 53 -1.94 12.27 -32.75
N PHE A 54 -2.98 12.84 -32.14
CA PHE A 54 -3.57 14.09 -32.62
C PHE A 54 -4.30 14.78 -31.47
N LYS A 55 -3.56 15.51 -30.63
CA LYS A 55 -4.11 16.14 -29.43
C LYS A 55 -3.93 17.64 -29.53
N CYS A 56 -5.03 18.38 -29.32
CA CYS A 56 -5.05 19.83 -29.43
C CYS A 56 -5.25 20.48 -28.06
N TYR A 57 -4.65 21.65 -27.88
CA TYR A 57 -4.65 22.36 -26.61
C TYR A 57 -5.13 23.78 -26.79
N GLY A 58 -6.12 24.18 -26.01
CA GLY A 58 -6.66 25.52 -26.10
C GLY A 58 -7.43 25.81 -27.37
N VAL A 59 -7.88 24.77 -28.07
CA VAL A 59 -8.62 24.94 -29.32
C VAL A 59 -9.24 23.59 -29.67
N SER A 60 -10.32 23.63 -30.46
CA SER A 60 -11.07 22.48 -30.94
C SER A 60 -10.65 22.13 -32.37
N PRO A 61 -10.49 20.84 -32.67
CA PRO A 61 -10.03 20.45 -34.01
C PRO A 61 -11.01 20.78 -35.12
N THR A 62 -12.29 20.42 -34.93
CA THR A 62 -13.29 20.67 -35.97
C THR A 62 -13.66 22.14 -36.07
N LYS A 63 -13.55 22.89 -34.98
CA LYS A 63 -13.90 24.30 -34.95
C LYS A 63 -12.73 25.22 -35.29
N LEU A 64 -11.73 24.71 -36.02
CA LEU A 64 -10.57 25.52 -36.38
C LEU A 64 -10.72 26.23 -37.71
N ASN A 65 -11.55 25.71 -38.62
CA ASN A 65 -11.82 26.40 -39.86
C ASN A 65 -12.62 27.68 -39.66
N ASP A 66 -13.01 27.98 -38.42
CA ASP A 66 -13.76 29.18 -38.07
C ASP A 66 -12.94 30.17 -37.25
N LEU A 67 -11.64 29.92 -37.07
CA LEU A 67 -10.79 30.75 -36.22
C LEU A 67 -9.67 31.38 -37.05
N CYS A 68 -9.47 32.68 -36.86
CA CYS A 68 -8.38 33.41 -37.49
C CYS A 68 -7.25 33.67 -36.52
N PHE A 69 -6.01 33.53 -37.00
CA PHE A 69 -4.81 33.77 -36.21
C PHE A 69 -3.83 34.60 -37.02
N THR A 70 -2.90 35.25 -36.32
CA THR A 70 -1.92 36.10 -36.99
C THR A 70 -0.83 35.27 -37.66
N ASN A 71 -0.28 34.30 -36.94
CA ASN A 71 0.76 33.43 -37.49
C ASN A 71 0.54 32.00 -37.00
N VAL A 72 0.86 31.04 -37.88
CA VAL A 72 0.81 29.63 -37.55
C VAL A 72 2.21 29.05 -37.75
N TYR A 73 2.69 28.32 -36.75
CA TYR A 73 4.03 27.74 -36.78
C TYR A 73 3.92 26.22 -36.80
N ALA A 74 4.60 25.59 -37.76
CA ALA A 74 4.62 24.14 -37.91
C ALA A 74 6.04 23.66 -37.67
N ASP A 75 6.25 22.97 -36.56
CA ASP A 75 7.57 22.42 -36.22
C ASP A 75 7.54 20.90 -36.42
N SER A 76 8.56 20.38 -37.09
CA SER A 76 8.59 18.98 -37.49
C SER A 76 9.94 18.36 -37.14
N PHE A 77 9.91 17.14 -36.63
CA PHE A 77 11.11 16.44 -36.20
C PHE A 77 10.78 14.95 -36.04
N VAL A 78 11.76 14.19 -35.58
CA VAL A 78 11.62 12.74 -35.41
C VAL A 78 12.13 12.36 -34.02
N ILE A 79 11.35 11.54 -33.32
CA ILE A 79 11.67 11.05 -31.99
C ILE A 79 11.27 9.59 -31.90
N ARG A 80 11.44 9.01 -30.71
CA ARG A 80 10.95 7.68 -30.43
C ARG A 80 9.46 7.71 -30.13
N GLY A 81 8.80 6.58 -30.38
CA GLY A 81 7.41 6.45 -29.99
C GLY A 81 7.20 6.57 -28.50
N ASP A 82 8.17 6.08 -27.71
CA ASP A 82 8.12 6.24 -26.27
C ASP A 82 8.06 7.72 -25.86
N GLU A 83 8.62 8.60 -26.69
CA GLU A 83 8.81 9.99 -26.35
C GLU A 83 7.75 10.91 -26.95
N VAL A 84 6.71 10.33 -27.57
CA VAL A 84 5.60 11.14 -28.06
C VAL A 84 4.82 11.75 -26.91
N ARG A 85 4.71 11.05 -25.78
CA ARG A 85 3.99 11.60 -24.62
C ARG A 85 4.63 12.87 -24.09
N GLN A 86 5.90 13.11 -24.40
CA GLN A 86 6.61 14.28 -23.89
C GLN A 86 6.33 15.54 -24.69
N ILE A 87 5.84 15.42 -25.93
CA ILE A 87 5.51 16.59 -26.73
C ILE A 87 4.13 17.08 -26.30
N ALA A 88 4.06 17.70 -25.12
CA ALA A 88 2.80 18.17 -24.55
C ALA A 88 3.12 19.15 -23.44
N PRO A 89 2.21 20.07 -23.13
CA PRO A 89 2.48 21.05 -22.08
C PRO A 89 2.71 20.38 -20.72
N GLY A 90 3.71 20.87 -19.99
CA GLY A 90 3.98 20.37 -18.66
C GLY A 90 4.59 18.99 -18.59
N GLN A 91 5.25 18.55 -19.65
CA GLN A 91 5.91 17.25 -19.68
C GLN A 91 7.40 17.39 -19.43
N THR A 92 8.01 16.32 -18.94
CA THR A 92 9.44 16.25 -18.71
C THR A 92 9.99 15.01 -19.40
N GLY A 93 11.32 14.98 -19.54
CA GLY A 93 12.00 13.90 -20.23
C GLY A 93 13.18 14.36 -21.06
N LYS A 94 13.94 13.41 -21.60
CA LYS A 94 15.13 13.75 -22.37
C LYS A 94 14.81 14.64 -23.56
N ILE A 95 13.61 14.50 -24.13
CA ILE A 95 13.22 15.31 -25.28
C ILE A 95 12.64 16.65 -24.85
N ALA A 96 11.66 16.62 -23.93
CA ALA A 96 11.01 17.85 -23.51
C ALA A 96 11.97 18.82 -22.83
N ASP A 97 12.96 18.29 -22.12
CA ASP A 97 13.89 19.17 -21.39
C ASP A 97 14.97 19.71 -22.31
N TYR A 98 15.50 18.89 -23.22
CA TYR A 98 16.75 19.20 -23.89
C TYR A 98 16.65 19.30 -25.41
N ASN A 99 15.47 19.08 -25.99
CA ASN A 99 15.34 19.09 -27.45
C ASN A 99 14.21 19.99 -27.92
N TYR A 100 13.01 19.76 -27.41
CA TYR A 100 11.84 20.54 -27.82
C TYR A 100 10.90 20.62 -26.63
N LYS A 101 10.56 21.84 -26.21
CA LYS A 101 9.78 22.08 -25.00
C LYS A 101 8.55 22.90 -25.35
N LEU A 102 7.36 22.42 -24.89
CA LEU A 102 6.15 23.21 -25.09
C LEU A 102 5.80 24.00 -23.83
N PRO A 103 5.25 25.19 -23.99
CA PRO A 103 4.83 25.97 -22.82
C PRO A 103 3.56 25.41 -22.21
N ASP A 104 3.31 25.80 -20.95
CA ASP A 104 2.11 25.34 -20.27
C ASP A 104 0.84 25.95 -20.87
N ASP A 105 0.92 27.17 -21.38
CA ASP A 105 -0.22 27.83 -22.01
C ASP A 105 -0.26 27.59 -23.52
N PHE A 106 0.23 26.44 -23.98
CA PHE A 106 0.30 26.15 -25.40
C PHE A 106 -1.08 26.20 -26.04
N THR A 107 -1.15 26.88 -27.18
CA THR A 107 -2.37 26.96 -28.00
C THR A 107 -2.04 26.38 -29.36
N GLY A 108 -2.34 25.09 -29.55
CA GLY A 108 -2.05 24.44 -30.81
C GLY A 108 -2.35 22.96 -30.74
N CYS A 109 -1.74 22.22 -31.66
CA CYS A 109 -2.01 20.80 -31.81
C CYS A 109 -0.72 20.03 -32.07
N VAL A 110 -0.64 18.83 -31.52
CA VAL A 110 0.51 17.94 -31.70
C VAL A 110 0.05 16.74 -32.52
N ILE A 111 0.73 16.49 -33.63
CA ILE A 111 0.37 15.43 -34.57
C ILE A 111 1.57 14.51 -34.76
N ALA A 112 1.33 13.20 -34.70
CA ALA A 112 2.39 12.20 -34.84
C ALA A 112 1.86 10.99 -35.57
N TRP A 113 2.78 10.25 -36.20
CA TRP A 113 2.45 9.01 -36.87
C TRP A 113 3.73 8.19 -37.04
N ASN A 114 3.56 6.86 -37.09
CA ASN A 114 4.70 5.97 -37.23
C ASN A 114 5.33 6.09 -38.61
N SER A 115 6.67 6.04 -38.65
CA SER A 115 7.41 6.11 -39.90
C SER A 115 8.54 5.09 -39.94
N ASN A 116 8.32 3.92 -39.34
CA ASN A 116 9.35 2.87 -39.34
C ASN A 116 9.69 2.41 -40.75
N ASN A 117 8.74 2.52 -41.68
CA ASN A 117 9.00 2.08 -43.06
C ASN A 117 9.97 3.01 -43.77
N LEU A 118 10.05 4.28 -43.35
CA LEU A 118 10.91 5.27 -43.99
C LEU A 118 12.18 5.55 -43.21
N ASP A 119 12.10 5.68 -41.89
CA ASP A 119 13.19 6.21 -41.09
C ASP A 119 13.98 5.13 -40.36
N SER A 120 13.76 3.87 -40.68
CA SER A 120 14.55 2.78 -40.12
C SER A 120 15.27 2.05 -41.25
N LYS A 121 16.58 1.93 -41.11
CA LYS A 121 17.40 1.16 -42.05
C LYS A 121 17.70 -0.21 -41.46
N VAL A 122 18.03 -1.15 -42.34
CA VAL A 122 18.24 -2.53 -41.92
C VAL A 122 19.40 -2.61 -40.93
N GLY A 123 20.54 -2.04 -41.30
CA GLY A 123 21.68 -1.98 -40.41
C GLY A 123 21.54 -1.02 -39.26
N GLY A 124 20.45 -0.26 -39.20
CA GLY A 124 20.25 0.71 -38.15
C GLY A 124 20.42 2.13 -38.66
N ASN A 125 19.36 2.93 -38.57
CA ASN A 125 19.44 4.33 -39.00
C ASN A 125 19.97 5.17 -37.85
N TYR A 126 21.01 5.95 -38.14
CA TYR A 126 21.65 6.80 -37.15
C TYR A 126 21.61 8.27 -37.55
N ASN A 127 20.82 8.61 -38.56
CA ASN A 127 20.71 9.99 -39.02
C ASN A 127 19.85 10.83 -38.09
N TYR A 128 19.01 10.22 -37.26
CA TYR A 128 18.14 10.95 -36.36
C TYR A 128 18.75 10.93 -34.97
N LEU A 129 18.90 12.11 -34.38
CA LEU A 129 19.61 12.27 -33.12
C LEU A 129 18.72 12.99 -32.12
N TYR A 130 19.12 12.92 -30.86
CA TYR A 130 18.47 13.67 -29.79
C TYR A 130 19.53 14.14 -28.81
N ARG A 131 19.31 15.32 -28.24
CA ARG A 131 20.26 15.87 -27.29
C ARG A 131 20.15 15.13 -25.96
N LEU A 132 21.28 14.63 -25.47
CA LEU A 132 21.30 13.82 -24.26
C LEU A 132 21.82 14.57 -23.04
N PHE A 133 22.70 15.54 -23.23
CA PHE A 133 23.33 16.25 -22.12
C PHE A 133 23.05 17.73 -22.22
N ARG A 134 22.53 18.32 -21.14
CA ARG A 134 22.39 19.76 -21.05
C ARG A 134 22.32 20.16 -19.59
N LYS A 135 22.97 21.28 -19.24
CA LYS A 135 23.03 21.70 -17.84
C LYS A 135 21.65 22.09 -17.31
N SER A 136 20.82 22.71 -18.14
CA SER A 136 19.52 23.18 -17.70
C SER A 136 18.49 22.92 -18.79
N ASN A 137 17.21 22.97 -18.40
CA ASN A 137 16.13 22.67 -19.31
C ASN A 137 15.95 23.76 -20.34
N LEU A 138 15.37 23.39 -21.48
CA LEU A 138 15.05 24.36 -22.52
C LEU A 138 13.83 25.18 -22.15
N LYS A 139 13.85 26.46 -22.51
CA LYS A 139 12.66 27.28 -22.42
C LYS A 139 11.70 26.87 -23.53
N PRO A 140 10.42 27.21 -23.41
CA PRO A 140 9.45 26.85 -24.46
C PRO A 140 9.89 27.32 -25.84
N PHE A 141 9.84 26.41 -26.81
CA PHE A 141 10.21 26.68 -28.20
C PHE A 141 11.68 27.09 -28.32
N GLU A 142 12.53 26.46 -27.52
CA GLU A 142 13.96 26.71 -27.61
C GLU A 142 14.61 25.66 -28.50
N ARG A 143 15.50 26.10 -29.38
CA ARG A 143 16.15 25.25 -30.36
C ARG A 143 17.66 25.29 -30.11
N ASP A 144 18.16 24.24 -29.45
CA ASP A 144 19.58 24.14 -29.15
C ASP A 144 20.22 23.18 -30.14
N ILE A 145 21.12 23.71 -30.96
CA ILE A 145 21.81 22.92 -31.98
C ILE A 145 23.31 22.86 -31.70
N SER A 146 23.70 23.14 -30.46
CA SER A 146 25.10 23.14 -30.09
C SER A 146 25.68 21.72 -30.15
N THR A 147 26.95 21.65 -30.53
CA THR A 147 27.69 20.39 -30.53
C THR A 147 28.87 20.44 -29.57
N GLU A 148 28.91 21.44 -28.68
CA GLU A 148 30.01 21.59 -27.74
C GLU A 148 30.09 20.38 -26.81
N ILE A 149 31.32 19.97 -26.50
CA ILE A 149 31.54 18.82 -25.63
C ILE A 149 31.08 19.13 -24.21
N TYR A 150 30.36 18.19 -23.61
CA TYR A 150 29.68 18.42 -22.34
C TYR A 150 30.63 18.19 -21.17
N GLN A 151 30.81 19.22 -20.34
CA GLN A 151 31.74 19.17 -19.20
C GLN A 151 31.01 18.64 -17.98
N ALA A 152 31.07 17.33 -17.77
CA ALA A 152 30.41 16.70 -16.63
C ALA A 152 31.28 16.63 -15.38
N GLY A 153 32.55 16.99 -15.47
CA GLY A 153 33.44 16.84 -14.32
C GLY A 153 34.01 18.15 -13.81
N SER A 154 35.00 18.05 -12.92
CA SER A 154 35.62 19.26 -12.37
C SER A 154 36.53 19.93 -13.39
N THR A 155 37.27 19.14 -14.16
CA THR A 155 38.21 19.67 -15.14
C THR A 155 37.50 20.05 -16.44
N PRO A 156 37.99 21.08 -17.13
CA PRO A 156 37.38 21.49 -18.40
C PRO A 156 37.74 20.54 -19.54
N CYS A 157 36.89 20.56 -20.57
CA CYS A 157 37.00 19.63 -21.69
C CYS A 157 37.88 20.15 -22.82
N ASN A 158 37.81 21.45 -23.11
CA ASN A 158 38.54 22.05 -24.22
C ASN A 158 38.19 21.38 -25.55
N GLY A 159 36.90 21.07 -25.73
CA GLY A 159 36.42 20.52 -26.98
C GLY A 159 36.91 19.14 -27.32
N VAL A 160 37.43 18.39 -26.35
CA VAL A 160 37.97 17.04 -26.58
C VAL A 160 37.14 16.05 -25.78
N GLU A 161 36.76 14.94 -26.41
CA GLU A 161 36.00 13.92 -25.72
C GLU A 161 36.94 13.07 -24.86
N GLY A 162 36.35 12.35 -23.92
CA GLY A 162 37.10 11.64 -22.91
C GLY A 162 36.25 11.49 -21.66
N PHE A 163 36.91 11.13 -20.57
CA PHE A 163 36.19 10.97 -19.31
C PHE A 163 35.62 12.30 -18.85
N ASN A 164 34.36 12.28 -18.42
CA ASN A 164 33.61 13.46 -17.98
C ASN A 164 33.53 14.53 -19.07
N CYS A 165 33.70 14.13 -20.33
CA CYS A 165 33.63 15.05 -21.46
C CYS A 165 33.01 14.27 -22.62
N TYR A 166 31.70 14.41 -22.79
CA TYR A 166 30.94 13.56 -23.70
C TYR A 166 30.31 14.40 -24.81
N PHE A 167 30.16 13.77 -25.97
CA PHE A 167 29.42 14.39 -27.05
C PHE A 167 27.97 14.58 -26.62
N PRO A 168 27.41 15.79 -26.73
CA PRO A 168 26.10 16.06 -26.12
C PRO A 168 24.94 15.38 -26.82
N LEU A 169 25.11 14.91 -28.06
CA LEU A 169 24.04 14.25 -28.79
C LEU A 169 24.21 12.75 -28.72
N GLN A 170 23.08 12.04 -28.81
CA GLN A 170 23.06 10.60 -28.89
C GLN A 170 22.24 10.18 -30.10
N SER A 171 22.61 9.05 -30.69
CA SER A 171 21.99 8.60 -31.93
C SER A 171 20.89 7.59 -31.64
N TYR A 172 19.72 7.83 -32.23
CA TYR A 172 18.69 6.81 -32.27
C TYR A 172 19.20 5.61 -33.07
N GLY A 173 18.82 4.41 -32.64
CA GLY A 173 19.14 3.23 -33.40
C GLY A 173 17.91 2.68 -34.09
N PHE A 174 17.45 3.37 -35.14
CA PHE A 174 16.18 3.05 -35.77
C PHE A 174 16.37 1.86 -36.70
N GLN A 175 16.01 0.68 -36.21
CA GLN A 175 15.99 -0.57 -36.95
C GLN A 175 14.55 -1.08 -37.08
N PRO A 176 14.24 -1.78 -38.17
CA PRO A 176 12.84 -2.24 -38.35
C PRO A 176 12.37 -3.22 -37.29
N THR A 177 13.28 -4.01 -36.70
CA THR A 177 12.92 -5.01 -35.70
C THR A 177 12.61 -4.41 -34.34
N ASN A 178 12.56 -3.09 -34.22
CA ASN A 178 12.36 -2.44 -32.93
C ASN A 178 10.89 -2.50 -32.51
N GLY A 179 10.67 -2.52 -31.20
CA GLY A 179 9.33 -2.43 -30.65
C GLY A 179 8.63 -1.13 -31.04
N VAL A 180 7.33 -1.11 -30.78
CA VAL A 180 6.50 0.04 -31.14
C VAL A 180 7.04 1.31 -30.50
N GLY A 181 7.47 1.24 -29.23
CA GLY A 181 8.00 2.40 -28.55
C GLY A 181 9.33 2.90 -29.08
N TYR A 182 10.06 2.06 -29.82
CA TYR A 182 11.39 2.41 -30.29
C TYR A 182 11.44 2.70 -31.79
N GLN A 183 10.32 2.55 -32.50
CA GLN A 183 10.32 2.87 -33.92
C GLN A 183 10.17 4.38 -34.13
N PRO A 184 10.67 4.90 -35.25
CA PRO A 184 10.60 6.35 -35.46
C PRO A 184 9.19 6.83 -35.73
N TYR A 185 8.84 7.94 -35.09
CA TYR A 185 7.57 8.64 -35.29
C TYR A 185 7.86 10.05 -35.78
N ARG A 186 7.16 10.47 -36.83
CA ARG A 186 7.29 11.83 -37.35
C ARG A 186 6.24 12.73 -36.71
N VAL A 187 6.68 13.89 -36.23
CA VAL A 187 5.86 14.80 -35.43
C VAL A 187 5.75 16.14 -36.14
N VAL A 188 4.56 16.75 -36.08
CA VAL A 188 4.35 18.11 -36.56
C VAL A 188 3.56 18.86 -35.49
N VAL A 189 4.11 19.97 -35.02
CA VAL A 189 3.51 20.78 -33.96
C VAL A 189 3.02 22.09 -34.56
N LEU A 190 1.70 22.31 -34.53
CA LEU A 190 1.12 23.56 -34.99
C LEU A 190 0.95 24.52 -33.82
N SER A 191 1.48 25.72 -33.96
CA SER A 191 1.39 26.77 -32.95
C SER A 191 0.53 27.90 -33.48
N PHE A 192 -0.53 28.24 -32.74
CA PHE A 192 -1.46 29.28 -33.16
C PHE A 192 -1.20 30.54 -32.35
N GLU A 193 -0.89 31.63 -33.03
CA GLU A 193 -0.50 32.89 -32.42
C GLU A 193 -1.51 33.96 -32.80
N LEU A 194 -2.04 34.65 -31.80
CA LEU A 194 -2.99 35.74 -32.03
C LEU A 194 -2.48 37.06 -31.48
N ALA A 199 -4.42 39.37 -38.59
CA ALA A 199 -4.59 37.94 -38.77
C ALA A 199 -4.47 37.56 -40.24
N THR A 200 -3.66 36.54 -40.53
CA THR A 200 -3.37 36.19 -41.91
C THR A 200 -3.57 34.72 -42.25
N VAL A 201 -3.88 33.85 -41.29
CA VAL A 201 -4.13 32.44 -41.56
C VAL A 201 -5.49 32.08 -41.00
N CYS A 202 -6.47 31.87 -41.89
CA CYS A 202 -7.81 31.48 -41.48
C CYS A 202 -8.27 30.26 -42.26
N GLY A 203 -9.55 29.94 -42.19
CA GLY A 203 -10.09 28.79 -42.88
C GLY A 203 -11.25 29.09 -43.80
N LEU B 12 -47.73 3.22 -45.82
CA LEU B 12 -47.50 3.92 -44.56
C LEU B 12 -46.53 3.13 -43.69
N CYS B 13 -45.77 3.82 -42.85
CA CYS B 13 -44.75 3.16 -42.05
C CYS B 13 -45.41 2.27 -41.00
N PRO B 14 -44.81 1.11 -40.69
CA PRO B 14 -45.40 0.15 -39.74
C PRO B 14 -45.17 0.50 -38.27
N PHE B 15 -45.55 1.73 -37.90
CA PHE B 15 -45.43 2.12 -36.50
C PHE B 15 -46.45 1.41 -35.62
N GLY B 16 -47.62 1.07 -36.19
CA GLY B 16 -48.64 0.39 -35.41
C GLY B 16 -48.22 -0.99 -34.92
N GLU B 17 -47.31 -1.65 -35.64
CA GLU B 17 -46.83 -2.95 -35.20
C GLU B 17 -46.00 -2.85 -33.93
N VAL B 18 -45.22 -1.79 -33.79
CA VAL B 18 -44.27 -1.70 -32.68
C VAL B 18 -44.97 -1.22 -31.41
N PHE B 19 -45.67 -0.09 -31.48
CA PHE B 19 -46.32 0.45 -30.29
C PHE B 19 -47.45 -0.45 -29.81
N ASN B 20 -48.29 -0.93 -30.73
CA ASN B 20 -49.41 -1.80 -30.40
C ASN B 20 -49.04 -3.28 -30.41
N ALA B 21 -47.77 -3.61 -30.17
CA ALA B 21 -47.36 -5.01 -30.11
C ALA B 21 -47.89 -5.69 -28.85
N THR B 22 -48.10 -7.01 -28.96
CA THR B 22 -48.66 -7.77 -27.84
C THR B 22 -47.60 -8.16 -26.83
N ARG B 23 -46.42 -8.58 -27.28
CA ARG B 23 -45.32 -8.94 -26.40
C ARG B 23 -44.13 -8.00 -26.61
N PHE B 24 -43.54 -7.57 -25.51
CA PHE B 24 -42.34 -6.76 -25.53
C PHE B 24 -41.14 -7.57 -25.03
N ALA B 25 -39.95 -7.16 -25.47
CA ALA B 25 -38.72 -7.88 -25.14
C ALA B 25 -38.12 -7.37 -23.85
N SER B 26 -37.32 -8.23 -23.20
CA SER B 26 -36.54 -7.81 -22.06
C SER B 26 -35.46 -6.83 -22.51
N VAL B 27 -35.07 -5.94 -21.58
CA VAL B 27 -34.23 -4.81 -21.95
C VAL B 27 -32.85 -5.26 -22.42
N TYR B 28 -32.31 -6.35 -21.84
CA TYR B 28 -31.00 -6.83 -22.25
C TYR B 28 -31.04 -7.34 -23.69
N ALA B 29 -32.13 -7.99 -24.07
CA ALA B 29 -32.33 -8.50 -25.44
C ALA B 29 -33.29 -7.61 -26.22
N TRP B 30 -33.01 -6.31 -26.23
CA TRP B 30 -33.93 -5.34 -26.79
C TRP B 30 -34.16 -5.60 -28.28
N ASN B 31 -35.39 -5.38 -28.73
CA ASN B 31 -35.79 -5.64 -30.10
C ASN B 31 -35.53 -4.44 -30.98
N ARG B 32 -35.15 -4.69 -32.22
CA ARG B 32 -34.90 -3.63 -33.19
C ARG B 32 -35.71 -3.90 -34.45
N LYS B 33 -36.52 -2.91 -34.84
CA LYS B 33 -37.27 -2.94 -36.08
C LYS B 33 -36.68 -1.90 -37.03
N ARG B 34 -36.40 -2.32 -38.26
CA ARG B 34 -35.84 -1.44 -39.28
C ARG B 34 -36.97 -0.95 -40.18
N ILE B 35 -37.21 0.36 -40.18
CA ILE B 35 -38.30 0.98 -40.92
C ILE B 35 -37.72 1.71 -42.12
N SER B 36 -38.21 1.39 -43.31
CA SER B 36 -37.69 1.98 -44.54
C SER B 36 -38.78 1.97 -45.60
N ASN B 37 -38.67 2.93 -46.52
CA ASN B 37 -39.52 3.02 -47.72
C ASN B 37 -41.00 3.09 -47.34
N CYS B 38 -41.36 4.22 -46.73
CA CYS B 38 -42.73 4.42 -46.28
C CYS B 38 -42.90 5.88 -45.86
N VAL B 39 -44.15 6.35 -45.92
CA VAL B 39 -44.51 7.69 -45.49
C VAL B 39 -44.87 7.63 -44.01
N ALA B 40 -44.08 8.31 -43.18
CA ALA B 40 -44.22 8.21 -41.73
C ALA B 40 -45.19 9.27 -41.24
N ASP B 41 -46.27 8.82 -40.58
CA ASP B 41 -47.27 9.72 -40.01
C ASP B 41 -46.98 9.82 -38.51
N TYR B 42 -46.20 10.83 -38.14
CA TYR B 42 -45.85 11.03 -36.74
C TYR B 42 -46.98 11.64 -35.93
N SER B 43 -48.08 12.04 -36.58
CA SER B 43 -49.21 12.63 -35.86
C SER B 43 -49.91 11.59 -34.99
N VAL B 44 -49.81 10.31 -35.34
CA VAL B 44 -50.42 9.26 -34.52
C VAL B 44 -49.77 9.18 -33.15
N LEU B 45 -48.58 9.78 -32.98
CA LEU B 45 -47.80 9.63 -31.77
C LEU B 45 -47.87 10.86 -30.86
N TYR B 46 -47.44 12.03 -31.36
CA TYR B 46 -47.40 13.19 -30.48
C TYR B 46 -48.78 13.75 -30.16
N ASN B 47 -49.83 13.28 -30.84
CA ASN B 47 -51.20 13.65 -30.51
C ASN B 47 -51.90 12.59 -29.66
N SER B 48 -51.16 11.64 -29.13
CA SER B 48 -51.71 10.59 -28.28
C SER B 48 -51.47 10.94 -26.82
N ALA B 49 -52.53 10.92 -26.01
CA ALA B 49 -52.46 11.25 -24.60
C ALA B 49 -52.15 10.04 -23.73
N SER B 50 -51.72 8.94 -24.32
CA SER B 50 -51.46 7.70 -23.60
C SER B 50 -49.99 7.49 -23.27
N PHE B 51 -49.17 8.53 -23.37
CA PHE B 51 -47.73 8.44 -23.15
C PHE B 51 -47.33 9.31 -21.97
N SER B 52 -46.59 8.72 -21.02
CA SER B 52 -46.13 9.46 -19.85
C SER B 52 -44.76 10.09 -20.05
N THR B 53 -43.96 9.57 -20.98
CA THR B 53 -42.65 10.14 -21.30
C THR B 53 -42.51 10.19 -22.81
N PHE B 54 -42.12 11.36 -23.31
CA PHE B 54 -42.00 11.60 -24.75
C PHE B 54 -40.99 12.71 -24.99
N LYS B 55 -39.71 12.37 -25.01
CA LYS B 55 -38.63 13.33 -25.13
C LYS B 55 -37.85 13.08 -26.41
N CYS B 56 -37.68 14.14 -27.21
CA CYS B 56 -36.98 14.05 -28.48
C CYS B 56 -35.67 14.83 -28.40
N TYR B 57 -34.67 14.33 -29.11
CA TYR B 57 -33.32 14.89 -29.07
C TYR B 57 -32.86 15.17 -30.49
N GLY B 58 -32.42 16.40 -30.73
CA GLY B 58 -31.96 16.78 -32.05
C GLY B 58 -33.03 16.88 -33.11
N VAL B 59 -34.29 17.02 -32.73
CA VAL B 59 -35.39 17.11 -33.67
C VAL B 59 -36.62 17.59 -32.93
N SER B 60 -37.56 18.19 -33.64
CA SER B 60 -38.80 18.65 -33.03
C SER B 60 -39.91 17.65 -33.28
N PRO B 61 -40.73 17.36 -32.27
CA PRO B 61 -41.79 16.35 -32.46
C PRO B 61 -42.81 16.76 -33.51
N THR B 62 -43.29 18.00 -33.46
CA THR B 62 -44.28 18.45 -34.43
C THR B 62 -43.65 18.70 -35.79
N LYS B 63 -42.36 19.02 -35.84
CA LYS B 63 -41.65 19.30 -37.09
C LYS B 63 -41.01 18.05 -37.69
N LEU B 64 -41.53 16.87 -37.37
CA LEU B 64 -40.96 15.62 -37.89
C LEU B 64 -41.62 15.16 -39.18
N ASN B 65 -42.88 15.53 -39.41
CA ASN B 65 -43.55 15.18 -40.66
C ASN B 65 -43.01 15.93 -41.87
N ASP B 66 -42.07 16.86 -41.68
CA ASP B 66 -41.47 17.61 -42.78
C ASP B 66 -40.01 17.25 -43.01
N LEU B 67 -39.50 16.22 -42.34
CA LEU B 67 -38.10 15.85 -42.44
C LEU B 67 -38.00 14.45 -43.04
N CYS B 68 -37.12 14.30 -44.03
CA CYS B 68 -36.86 13.01 -44.66
C CYS B 68 -35.56 12.43 -44.11
N PHE B 69 -35.56 11.13 -43.86
CA PHE B 69 -34.39 10.43 -43.35
C PHE B 69 -34.19 9.15 -44.15
N THR B 70 -32.96 8.65 -44.11
CA THR B 70 -32.63 7.44 -44.86
C THR B 70 -33.16 6.20 -44.16
N ASN B 71 -32.95 6.08 -42.85
CA ASN B 71 -33.43 4.94 -42.09
C ASN B 71 -33.90 5.39 -40.71
N VAL B 72 -34.96 4.76 -40.23
CA VAL B 72 -35.50 4.99 -38.89
C VAL B 72 -35.47 3.68 -38.14
N TYR B 73 -34.96 3.71 -36.91
CA TYR B 73 -34.86 2.53 -36.06
C TYR B 73 -35.76 2.69 -34.84
N ALA B 74 -36.58 1.68 -34.59
CA ALA B 74 -37.49 1.66 -33.44
C ALA B 74 -37.06 0.50 -32.53
N ASP B 75 -36.53 0.84 -31.37
CA ASP B 75 -36.09 -0.14 -30.38
C ASP B 75 -37.08 -0.16 -29.22
N SER B 76 -37.48 -1.36 -28.80
CA SER B 76 -38.53 -1.53 -27.81
C SER B 76 -38.11 -2.55 -26.76
N PHE B 77 -38.43 -2.25 -25.51
CA PHE B 77 -38.09 -3.10 -24.37
C PHE B 77 -38.93 -2.67 -23.18
N VAL B 78 -38.72 -3.33 -22.04
CA VAL B 78 -39.46 -3.07 -20.81
C VAL B 78 -38.48 -2.89 -19.66
N ILE B 79 -38.70 -1.86 -18.85
CA ILE B 79 -37.86 -1.54 -17.71
C ILE B 79 -38.76 -1.08 -16.56
N ARG B 80 -38.12 -0.69 -15.45
CA ARG B 80 -38.82 -0.07 -14.34
C ARG B 80 -39.08 1.41 -14.63
N GLY B 81 -40.12 1.95 -14.00
CA GLY B 81 -40.36 3.37 -14.08
C GLY B 81 -39.21 4.19 -13.51
N ASP B 82 -38.54 3.67 -12.47
CA ASP B 82 -37.38 4.33 -11.91
C ASP B 82 -36.28 4.54 -12.95
N GLU B 83 -36.19 3.66 -13.93
CA GLU B 83 -35.08 3.63 -14.87
C GLU B 83 -35.41 4.24 -16.22
N VAL B 84 -36.58 4.89 -16.35
CA VAL B 84 -36.91 5.60 -17.58
C VAL B 84 -35.96 6.77 -17.77
N ARG B 85 -35.52 7.39 -16.67
CA ARG B 85 -34.59 8.51 -16.75
C ARG B 85 -33.24 8.11 -17.35
N GLN B 86 -32.90 6.83 -17.35
CA GLN B 86 -31.61 6.39 -17.87
C GLN B 86 -31.60 6.27 -19.39
N ILE B 87 -32.77 6.18 -20.03
CA ILE B 87 -32.85 6.13 -21.48
C ILE B 87 -32.72 7.54 -22.04
N ALA B 88 -31.51 8.08 -22.00
CA ALA B 88 -31.24 9.43 -22.44
C ALA B 88 -29.74 9.56 -22.65
N PRO B 89 -29.29 10.47 -23.51
CA PRO B 89 -27.84 10.59 -23.76
C PRO B 89 -27.09 10.99 -22.51
N GLY B 90 -25.94 10.35 -22.31
CA GLY B 90 -25.07 10.70 -21.21
C GLY B 90 -25.54 10.27 -19.84
N GLN B 91 -26.40 9.25 -19.76
CA GLN B 91 -26.89 8.75 -18.49
C GLN B 91 -26.09 7.53 -18.05
N THR B 92 -26.06 7.31 -16.74
CA THR B 92 -25.41 6.14 -16.16
C THR B 92 -26.41 5.42 -15.26
N GLY B 93 -26.08 4.19 -14.92
CA GLY B 93 -26.96 3.35 -14.13
C GLY B 93 -26.93 1.92 -14.61
N LYS B 94 -27.57 1.01 -13.87
CA LYS B 94 -27.56 -0.41 -14.23
C LYS B 94 -28.11 -0.64 -15.64
N ILE B 95 -29.04 0.20 -16.09
CA ILE B 95 -29.63 0.01 -17.41
C ILE B 95 -28.76 0.67 -18.48
N ALA B 96 -28.40 1.94 -18.28
CA ALA B 96 -27.63 2.66 -19.29
C ALA B 96 -26.26 2.04 -19.53
N ASP B 97 -25.66 1.46 -18.49
CA ASP B 97 -24.33 0.90 -18.62
C ASP B 97 -24.36 -0.50 -19.23
N TYR B 98 -25.33 -1.32 -18.84
CA TYR B 98 -25.27 -2.76 -19.09
C TYR B 98 -26.39 -3.32 -19.95
N ASN B 99 -27.35 -2.50 -20.39
CA ASN B 99 -28.47 -3.03 -21.14
C ASN B 99 -28.73 -2.29 -22.45
N TYR B 100 -28.91 -0.97 -22.35
CA TYR B 100 -29.22 -0.15 -23.52
C TYR B 100 -28.61 1.22 -23.29
N LYS B 101 -27.75 1.65 -24.20
CA LYS B 101 -26.99 2.88 -24.05
C LYS B 101 -27.26 3.78 -25.24
N LEU B 102 -27.62 5.03 -24.96
CA LEU B 102 -27.77 5.97 -26.05
C LEU B 102 -26.52 6.80 -26.20
N PRO B 103 -26.13 7.15 -27.42
CA PRO B 103 -24.95 8.00 -27.61
C PRO B 103 -25.24 9.42 -27.16
N ASP B 104 -24.16 10.16 -26.94
CA ASP B 104 -24.31 11.56 -26.52
C ASP B 104 -24.90 12.41 -27.64
N ASP B 105 -24.62 12.04 -28.90
CA ASP B 105 -25.14 12.72 -30.07
C ASP B 105 -26.44 12.10 -30.58
N PHE B 106 -27.27 11.54 -29.70
CA PHE B 106 -28.49 10.87 -30.11
C PHE B 106 -29.41 11.82 -30.88
N THR B 107 -29.92 11.34 -32.01
CA THR B 107 -30.89 12.07 -32.82
C THR B 107 -32.14 11.20 -32.94
N GLY B 108 -33.12 11.45 -32.08
CA GLY B 108 -34.34 10.68 -32.10
C GLY B 108 -35.24 11.04 -30.94
N CYS B 109 -36.13 10.11 -30.59
CA CYS B 109 -37.14 10.36 -29.58
C CYS B 109 -37.28 9.14 -28.68
N VAL B 110 -37.51 9.39 -27.39
CA VAL B 110 -37.74 8.35 -26.40
C VAL B 110 -39.18 8.46 -25.93
N ILE B 111 -39.94 7.38 -26.07
CA ILE B 111 -41.35 7.35 -25.74
C ILE B 111 -41.57 6.23 -24.73
N ALA B 112 -42.33 6.53 -23.68
CA ALA B 112 -42.57 5.56 -22.61
C ALA B 112 -43.98 5.72 -22.08
N TRP B 113 -44.50 4.64 -21.52
CA TRP B 113 -45.81 4.65 -20.88
C TRP B 113 -45.89 3.47 -19.92
N ASN B 114 -46.71 3.64 -18.88
CA ASN B 114 -46.88 2.59 -17.89
C ASN B 114 -47.63 1.41 -18.51
N SER B 115 -47.19 0.19 -18.15
CA SER B 115 -47.84 -1.02 -18.62
C SER B 115 -48.02 -2.01 -17.46
N ASN B 116 -48.29 -1.49 -16.27
CA ASN B 116 -48.51 -2.35 -15.12
C ASN B 116 -49.72 -3.24 -15.31
N ASN B 117 -50.69 -2.79 -16.13
CA ASN B 117 -51.88 -3.59 -16.38
C ASN B 117 -51.56 -4.81 -17.24
N LEU B 118 -50.50 -4.75 -18.05
CA LEU B 118 -50.15 -5.83 -18.96
C LEU B 118 -48.99 -6.69 -18.47
N ASP B 119 -47.93 -6.08 -17.94
CA ASP B 119 -46.66 -6.77 -17.74
C ASP B 119 -46.39 -7.16 -16.29
N SER B 120 -47.38 -7.03 -15.40
CA SER B 120 -47.24 -7.46 -14.02
C SER B 120 -48.28 -8.54 -13.72
N LYS B 121 -47.81 -9.66 -13.17
CA LYS B 121 -48.67 -10.75 -12.75
C LYS B 121 -48.89 -10.71 -11.24
N VAL B 122 -49.98 -11.35 -10.81
CA VAL B 122 -50.36 -11.32 -9.39
C VAL B 122 -49.28 -11.98 -8.54
N GLY B 123 -48.88 -13.20 -8.91
CA GLY B 123 -47.80 -13.87 -8.23
C GLY B 123 -46.43 -13.33 -8.54
N GLY B 124 -46.32 -12.36 -9.45
CA GLY B 124 -45.03 -11.81 -9.83
C GLY B 124 -44.58 -12.27 -11.20
N ASN B 125 -44.39 -11.32 -12.11
CA ASN B 125 -43.93 -11.63 -13.46
C ASN B 125 -42.41 -11.67 -13.48
N TYR B 126 -41.86 -12.77 -14.00
CA TYR B 126 -40.41 -12.95 -14.06
C TYR B 126 -39.90 -13.16 -15.48
N ASN B 127 -40.72 -12.91 -16.50
CA ASN B 127 -40.29 -13.06 -17.89
C ASN B 127 -39.42 -11.89 -18.38
N TYR B 128 -39.46 -10.75 -17.70
CA TYR B 128 -38.70 -9.57 -18.09
C TYR B 128 -37.43 -9.47 -17.25
N LEU B 129 -36.28 -9.33 -17.92
CA LEU B 129 -34.98 -9.39 -17.28
C LEU B 129 -34.16 -8.16 -17.62
N TYR B 130 -33.11 -7.93 -16.82
CA TYR B 130 -32.13 -6.89 -17.10
C TYR B 130 -30.76 -7.38 -16.69
N ARG B 131 -29.74 -6.93 -17.42
CA ARG B 131 -28.36 -7.33 -17.12
C ARG B 131 -27.85 -6.58 -15.89
N LEU B 132 -27.33 -7.33 -14.92
CA LEU B 132 -26.86 -6.76 -13.67
C LEU B 132 -25.34 -6.71 -13.57
N PHE B 133 -24.63 -7.64 -14.21
CA PHE B 133 -23.18 -7.74 -14.11
C PHE B 133 -22.55 -7.60 -15.49
N ARG B 134 -21.59 -6.69 -15.60
CA ARG B 134 -20.76 -6.59 -16.80
C ARG B 134 -19.45 -5.92 -16.42
N LYS B 135 -18.36 -6.42 -17.01
CA LYS B 135 -17.04 -5.89 -16.68
C LYS B 135 -16.87 -4.44 -17.13
N SER B 136 -17.48 -4.07 -18.26
CA SER B 136 -17.35 -2.74 -18.81
C SER B 136 -18.71 -2.29 -19.36
N ASN B 137 -18.85 -0.98 -19.54
CA ASN B 137 -20.11 -0.42 -19.98
C ASN B 137 -20.34 -0.71 -21.46
N LEU B 138 -21.62 -0.69 -21.86
CA LEU B 138 -21.98 -0.89 -23.25
C LEU B 138 -21.70 0.35 -24.07
N LYS B 139 -21.26 0.14 -25.31
CA LYS B 139 -21.18 1.21 -26.29
C LYS B 139 -22.58 1.57 -26.77
N PRO B 140 -22.75 2.75 -27.37
CA PRO B 140 -24.07 3.13 -27.87
C PRO B 140 -24.67 2.09 -28.80
N PHE B 141 -25.93 1.74 -28.54
CA PHE B 141 -26.69 0.77 -29.34
C PHE B 141 -26.05 -0.61 -29.32
N GLU B 142 -25.51 -1.00 -28.16
CA GLU B 142 -24.95 -2.34 -28.00
C GLU B 142 -25.99 -3.26 -27.38
N ARG B 143 -26.07 -4.48 -27.92
CA ARG B 143 -27.06 -5.49 -27.51
C ARG B 143 -26.32 -6.71 -26.99
N ASP B 144 -26.25 -6.86 -25.68
CA ASP B 144 -25.55 -7.97 -25.04
C ASP B 144 -26.59 -8.99 -24.57
N ILE B 145 -26.54 -10.19 -25.14
CA ILE B 145 -27.46 -11.27 -24.83
C ILE B 145 -26.73 -12.48 -24.23
N SER B 146 -25.54 -12.27 -23.69
CA SER B 146 -24.74 -13.35 -23.13
C SER B 146 -25.39 -13.97 -21.91
N THR B 147 -25.18 -15.28 -21.74
CA THR B 147 -25.61 -16.01 -20.55
C THR B 147 -24.43 -16.59 -19.77
N GLU B 148 -23.20 -16.18 -20.12
CA GLU B 148 -22.02 -16.70 -19.43
C GLU B 148 -22.04 -16.29 -17.96
N ILE B 149 -21.56 -17.19 -17.09
CA ILE B 149 -21.51 -16.89 -15.67
C ILE B 149 -20.46 -15.83 -15.41
N TYR B 150 -20.81 -14.83 -14.60
CA TYR B 150 -19.97 -13.67 -14.39
C TYR B 150 -18.90 -14.00 -13.37
N GLN B 151 -17.63 -13.86 -13.76
CA GLN B 151 -16.51 -14.22 -12.89
C GLN B 151 -16.18 -13.01 -12.04
N ALA B 152 -16.79 -12.95 -10.85
CA ALA B 152 -16.60 -11.84 -9.93
C ALA B 152 -15.42 -12.04 -8.99
N GLY B 153 -14.78 -13.21 -8.99
CA GLY B 153 -13.70 -13.47 -8.07
C GLY B 153 -12.39 -13.80 -8.75
N SER B 154 -11.42 -14.25 -7.95
CA SER B 154 -10.11 -14.60 -8.50
C SER B 154 -10.17 -15.91 -9.27
N THR B 155 -10.94 -16.87 -8.78
CA THR B 155 -11.04 -18.19 -9.39
C THR B 155 -12.02 -18.17 -10.57
N PRO B 156 -11.78 -18.98 -11.59
CA PRO B 156 -12.69 -19.04 -12.72
C PRO B 156 -13.94 -19.83 -12.38
N CYS B 157 -15.01 -19.55 -13.14
CA CYS B 157 -16.31 -20.13 -12.86
C CYS B 157 -16.54 -21.44 -13.60
N ASN B 158 -16.06 -21.55 -14.84
CA ASN B 158 -16.28 -22.72 -15.68
C ASN B 158 -17.76 -23.02 -15.85
N GLY B 159 -18.55 -21.96 -16.05
CA GLY B 159 -19.97 -22.11 -16.30
C GLY B 159 -20.78 -22.66 -15.15
N VAL B 160 -20.25 -22.61 -13.92
CA VAL B 160 -20.93 -23.13 -12.74
C VAL B 160 -21.17 -21.96 -11.80
N GLU B 161 -22.40 -21.88 -11.27
CA GLU B 161 -22.72 -20.81 -10.34
C GLU B 161 -22.21 -21.15 -8.94
N GLY B 162 -22.13 -20.13 -8.10
CA GLY B 162 -21.52 -20.25 -6.80
C GLY B 162 -20.99 -18.91 -6.34
N PHE B 163 -20.15 -18.97 -5.31
CA PHE B 163 -19.52 -17.76 -4.79
C PHE B 163 -18.62 -17.14 -5.85
N ASN B 164 -18.70 -15.82 -6.00
CA ASN B 164 -17.94 -15.07 -7.01
C ASN B 164 -18.23 -15.56 -8.42
N CYS B 165 -19.36 -16.23 -8.62
CA CYS B 165 -19.75 -16.77 -9.93
C CYS B 165 -21.27 -16.67 -10.02
N TYR B 166 -21.73 -15.57 -10.62
CA TYR B 166 -23.14 -15.23 -10.59
C TYR B 166 -23.71 -15.20 -12.01
N PHE B 167 -24.99 -15.57 -12.11
CA PHE B 167 -25.71 -15.40 -13.36
C PHE B 167 -25.84 -13.91 -13.65
N PRO B 168 -25.41 -13.44 -14.82
CA PRO B 168 -25.30 -11.99 -15.04
C PRO B 168 -26.63 -11.27 -15.13
N LEU B 169 -27.73 -11.98 -15.32
CA LEU B 169 -29.04 -11.35 -15.45
C LEU B 169 -29.79 -11.41 -14.12
N GLN B 170 -30.66 -10.43 -13.92
CA GLN B 170 -31.55 -10.37 -12.77
C GLN B 170 -32.97 -10.15 -13.25
N SER B 171 -33.93 -10.70 -12.50
CA SER B 171 -35.34 -10.67 -12.88
C SER B 171 -36.06 -9.54 -12.17
N TYR B 172 -36.80 -8.74 -12.93
CA TYR B 172 -37.75 -7.80 -12.34
C TYR B 172 -38.84 -8.57 -11.60
N GLY B 173 -39.29 -8.00 -10.49
CA GLY B 173 -40.43 -8.55 -9.77
C GLY B 173 -41.67 -7.70 -9.96
N PHE B 174 -42.24 -7.75 -11.17
CA PHE B 174 -43.33 -6.87 -11.54
C PHE B 174 -44.64 -7.40 -10.96
N GLN B 175 -45.06 -6.81 -9.85
CA GLN B 175 -46.32 -7.08 -9.19
C GLN B 175 -47.22 -5.86 -9.24
N PRO B 176 -48.54 -6.03 -9.30
CA PRO B 176 -49.42 -4.85 -9.39
C PRO B 176 -49.34 -3.94 -8.18
N THR B 177 -49.02 -4.50 -7.01
CA THR B 177 -48.93 -3.73 -5.78
C THR B 177 -47.68 -2.88 -5.68
N ASN B 178 -46.86 -2.83 -6.73
CA ASN B 178 -45.61 -2.08 -6.69
C ASN B 178 -45.88 -0.59 -6.87
N GLY B 179 -45.01 0.22 -6.29
CA GLY B 179 -45.05 1.65 -6.53
C GLY B 179 -44.88 1.98 -8.00
N VAL B 180 -45.21 3.22 -8.34
CA VAL B 180 -45.14 3.66 -9.73
C VAL B 180 -43.75 3.44 -10.30
N GLY B 181 -42.72 3.72 -9.50
CA GLY B 181 -41.34 3.55 -9.95
C GLY B 181 -40.95 2.11 -10.20
N TYR B 182 -41.69 1.15 -9.65
CA TYR B 182 -41.36 -0.26 -9.78
C TYR B 182 -42.28 -1.01 -10.74
N GLN B 183 -43.29 -0.33 -11.29
CA GLN B 183 -44.16 -0.96 -12.25
C GLN B 183 -43.52 -0.96 -13.64
N PRO B 184 -43.88 -1.92 -14.49
CA PRO B 184 -43.25 -2.00 -15.82
C PRO B 184 -43.69 -0.85 -16.71
N TYR B 185 -42.72 -0.27 -17.41
CA TYR B 185 -42.95 0.76 -18.42
C TYR B 185 -42.45 0.24 -19.76
N ARG B 186 -43.27 0.36 -20.80
CA ARG B 186 -42.87 -0.02 -22.14
C ARG B 186 -42.28 1.18 -22.86
N VAL B 187 -41.12 0.98 -23.48
CA VAL B 187 -40.33 2.06 -24.05
C VAL B 187 -40.13 1.79 -25.54
N VAL B 188 -40.20 2.86 -26.34
CA VAL B 188 -39.90 2.80 -27.76
C VAL B 188 -38.94 3.94 -28.07
N VAL B 189 -37.77 3.61 -28.62
CA VAL B 189 -36.74 4.59 -28.95
C VAL B 189 -36.67 4.68 -30.47
N LEU B 190 -37.01 5.84 -31.01
CA LEU B 190 -36.91 6.09 -32.44
C LEU B 190 -35.57 6.74 -32.74
N SER B 191 -34.83 6.14 -33.66
CA SER B 191 -33.52 6.66 -34.08
C SER B 191 -33.63 7.12 -35.52
N PHE B 192 -33.28 8.39 -35.76
CA PHE B 192 -33.36 8.99 -37.09
C PHE B 192 -31.96 9.08 -37.68
N GLU B 193 -31.77 8.45 -38.83
CA GLU B 193 -30.47 8.32 -39.49
C GLU B 193 -30.51 9.01 -40.84
N LEU B 194 -29.56 9.90 -41.08
CA LEU B 194 -29.46 10.59 -42.36
C LEU B 194 -28.12 10.29 -43.03
N GLU C 1 41.55 9.67 -6.34
CA GLU C 1 40.77 9.20 -7.49
C GLU C 1 39.30 9.56 -7.34
N VAL C 2 38.48 8.92 -8.17
CA VAL C 2 37.04 9.14 -8.22
C VAL C 2 36.34 8.11 -7.37
N GLN C 3 35.41 8.57 -6.52
CA GLN C 3 34.74 7.73 -5.53
C GLN C 3 33.51 8.45 -5.01
N LEU C 4 32.56 7.66 -4.51
CA LEU C 4 31.36 8.18 -3.86
C LEU C 4 31.34 7.71 -2.41
N LEU C 5 31.20 8.66 -1.50
CA LEU C 5 31.09 8.41 -0.08
C LEU C 5 29.74 8.92 0.41
N GLU C 6 29.00 8.06 1.11
CA GLU C 6 27.65 8.37 1.54
C GLU C 6 27.48 8.06 3.02
N SER C 7 26.57 8.78 3.66
CA SER C 7 26.32 8.64 5.09
C SER C 7 24.89 9.09 5.39
N GLY C 8 24.51 8.99 6.66
CA GLY C 8 23.21 9.43 7.13
C GLY C 8 22.28 8.32 7.55
N GLY C 9 22.67 7.06 7.42
CA GLY C 9 21.79 5.97 7.78
C GLY C 9 21.86 5.64 9.27
N GLY C 10 20.76 5.11 9.78
CA GLY C 10 20.68 4.76 11.18
C GLY C 10 19.27 4.38 11.55
N LEU C 11 19.03 4.31 12.85
CA LEU C 11 17.72 3.95 13.38
C LEU C 11 16.80 5.17 13.38
N ILE C 12 15.52 4.93 13.11
CA ILE C 12 14.51 5.99 13.09
C ILE C 12 13.15 5.36 13.28
N GLN C 13 12.33 5.98 14.13
CA GLN C 13 11.00 5.47 14.39
C GLN C 13 10.10 5.59 13.14
N PRO C 14 9.12 4.70 13.00
CA PRO C 14 8.20 4.80 11.87
C PRO C 14 7.51 6.15 11.84
N GLY C 15 7.22 6.64 10.63
CA GLY C 15 6.67 7.97 10.47
C GLY C 15 7.67 9.09 10.61
N GLY C 16 8.89 8.79 11.10
CA GLY C 16 9.92 9.79 11.24
C GLY C 16 10.58 10.11 9.91
N SER C 17 11.66 10.88 10.00
CA SER C 17 12.39 11.32 8.82
C SER C 17 13.87 11.02 8.97
N LEU C 18 14.57 11.06 7.84
CA LEU C 18 16.01 10.83 7.79
C LEU C 18 16.56 11.25 6.44
N ARG C 19 17.63 12.03 6.43
CA ARG C 19 18.28 12.48 5.20
C ARG C 19 19.58 11.73 5.01
N LEU C 20 19.82 11.29 3.78
CA LEU C 20 21.03 10.55 3.42
C LEU C 20 21.89 11.43 2.53
N SER C 21 23.13 11.66 2.95
CA SER C 21 24.08 12.48 2.21
C SER C 21 25.03 11.58 1.43
N CYS C 22 25.29 11.95 0.18
CA CYS C 22 26.18 11.21 -0.71
C CYS C 22 27.17 12.21 -1.30
N ALA C 23 28.39 12.25 -0.75
CA ALA C 23 29.40 13.19 -1.20
C ALA C 23 30.23 12.59 -2.33
N ALA C 24 30.52 13.40 -3.33
CA ALA C 24 31.16 12.95 -4.56
C ALA C 24 32.54 13.57 -4.71
N SER C 25 33.39 12.88 -5.47
CA SER C 25 34.72 13.38 -5.83
C SER C 25 35.10 12.81 -7.18
N GLY C 26 35.60 13.66 -8.06
CA GLY C 26 36.02 13.25 -9.39
C GLY C 26 35.11 13.72 -10.51
N PHE C 27 33.92 14.22 -10.18
CA PHE C 27 32.98 14.69 -11.18
C PHE C 27 32.02 15.68 -10.51
N THR C 28 31.21 16.32 -11.34
CA THR C 28 30.23 17.30 -10.89
C THR C 28 28.86 16.65 -10.78
N VAL C 29 28.23 16.81 -9.61
CA VAL C 29 26.90 16.22 -9.39
C VAL C 29 25.85 16.99 -10.17
N SER C 30 25.92 18.32 -10.16
CA SER C 30 24.93 19.14 -10.86
C SER C 30 24.96 18.96 -12.37
N SER C 31 25.90 18.19 -12.91
CA SER C 31 26.02 17.99 -14.34
C SER C 31 25.78 16.55 -14.79
N ASN C 32 25.51 15.64 -13.86
CA ASN C 32 25.39 14.22 -14.19
C ASN C 32 24.01 13.69 -13.80
N TYR C 33 23.71 12.49 -14.29
CA TYR C 33 22.54 11.72 -13.86
C TYR C 33 22.91 10.95 -12.60
N MET C 34 22.15 11.18 -11.52
CA MET C 34 22.39 10.54 -10.24
C MET C 34 21.17 9.71 -9.84
N SER C 35 21.41 8.63 -9.10
CA SER C 35 20.34 7.70 -8.75
C SER C 35 20.54 7.14 -7.35
N TRP C 36 19.42 6.90 -6.68
CA TRP C 36 19.37 6.15 -5.43
C TRP C 36 18.76 4.78 -5.69
N VAL C 37 19.38 3.74 -5.15
CA VAL C 37 18.91 2.36 -5.30
C VAL C 37 19.05 1.66 -3.96
N ARG C 38 17.97 1.07 -3.46
CA ARG C 38 17.98 0.42 -2.16
C ARG C 38 17.85 -1.08 -2.30
N GLN C 39 18.45 -1.80 -1.36
CA GLN C 39 18.41 -3.27 -1.32
C GLN C 39 17.98 -3.70 0.07
N ALA C 40 16.77 -4.24 0.18
CA ALA C 40 16.30 -4.78 1.44
C ALA C 40 17.18 -5.98 1.83
N PRO C 41 17.29 -6.27 3.12
CA PRO C 41 18.14 -7.40 3.55
C PRO C 41 17.68 -8.72 2.93
N GLY C 42 18.60 -9.38 2.23
CA GLY C 42 18.33 -10.65 1.60
C GLY C 42 17.59 -10.58 0.28
N LYS C 43 17.06 -9.42 -0.09
CA LYS C 43 16.27 -9.30 -1.32
C LYS C 43 17.12 -8.70 -2.43
N GLY C 44 16.49 -8.46 -3.57
CA GLY C 44 17.16 -7.91 -4.72
C GLY C 44 17.26 -6.40 -4.65
N LEU C 45 17.57 -5.81 -5.80
CA LEU C 45 17.76 -4.38 -5.89
C LEU C 45 16.47 -3.70 -6.31
N GLU C 46 16.28 -2.47 -5.81
CA GLU C 46 15.06 -1.72 -6.04
C GLU C 46 15.44 -0.28 -6.35
N TRP C 47 15.12 0.15 -7.57
CA TRP C 47 15.37 1.53 -7.97
C TRP C 47 14.44 2.47 -7.22
N VAL C 48 14.98 3.62 -6.81
CA VAL C 48 14.23 4.54 -5.95
C VAL C 48 13.97 5.87 -6.65
N SER C 49 15.03 6.62 -6.99
CA SER C 49 14.83 7.94 -7.53
C SER C 49 15.97 8.32 -8.46
N VAL C 50 15.71 9.31 -9.31
CA VAL C 50 16.65 9.79 -10.32
C VAL C 50 16.53 11.30 -10.43
N ILE C 51 17.68 11.99 -10.52
CA ILE C 51 17.72 13.39 -10.90
C ILE C 51 18.53 13.51 -12.18
N TYR C 52 17.99 14.22 -13.16
CA TYR C 52 18.65 14.41 -14.44
C TYR C 52 19.74 15.47 -14.34
N SER C 53 20.49 15.62 -15.44
CA SER C 53 21.47 16.70 -15.52
C SER C 53 20.79 18.06 -15.49
N GLY C 54 19.64 18.18 -16.16
CA GLY C 54 18.91 19.43 -16.19
C GLY C 54 18.13 19.73 -14.93
N GLY C 55 17.88 18.73 -14.10
CA GLY C 55 17.23 18.91 -12.82
C GLY C 55 15.92 18.16 -12.66
N SER C 56 15.42 17.49 -13.69
CA SER C 56 14.15 16.77 -13.58
C SER C 56 14.28 15.60 -12.61
N THR C 57 13.32 15.48 -11.70
CA THR C 57 13.32 14.46 -10.66
C THR C 57 12.23 13.42 -10.92
N TYR C 58 12.56 12.15 -10.70
CA TYR C 58 11.64 11.04 -10.88
C TYR C 58 11.76 10.09 -9.69
N TYR C 59 10.63 9.55 -9.25
CA TYR C 59 10.58 8.70 -8.06
C TYR C 59 9.81 7.43 -8.35
N ALA C 60 10.10 6.40 -7.56
CA ALA C 60 9.37 5.15 -7.65
C ALA C 60 8.00 5.27 -7.01
N ASP C 61 7.08 4.39 -7.43
CA ASP C 61 5.71 4.47 -6.95
C ASP C 61 5.62 4.20 -5.45
N SER C 62 6.52 3.38 -4.92
CA SER C 62 6.45 2.98 -3.52
C SER C 62 6.98 4.06 -2.57
N VAL C 63 7.68 5.07 -3.11
CA VAL C 63 8.21 6.16 -2.29
C VAL C 63 7.78 7.52 -2.80
N LYS C 64 6.95 7.58 -3.83
CA LYS C 64 6.51 8.85 -4.39
C LYS C 64 5.69 9.62 -3.36
N GLY C 65 5.98 10.92 -3.22
CA GLY C 65 5.34 11.76 -2.24
C GLY C 65 6.00 11.75 -0.88
N ARG C 66 6.77 10.72 -0.55
CA ARG C 66 7.46 10.61 0.73
C ARG C 66 8.94 10.93 0.63
N PHE C 67 9.61 10.45 -0.41
CA PHE C 67 11.03 10.68 -0.60
C PHE C 67 11.28 11.85 -1.54
N THR C 68 12.40 12.53 -1.34
CA THR C 68 12.82 13.66 -2.16
C THR C 68 14.31 13.54 -2.44
N ILE C 69 14.71 13.93 -3.64
CA ILE C 69 16.10 13.88 -4.06
C ILE C 69 16.53 15.28 -4.47
N SER C 70 17.76 15.65 -4.10
CA SER C 70 18.30 16.97 -4.41
C SER C 70 19.82 16.88 -4.43
N ARG C 71 20.46 18.03 -4.66
CA ARG C 71 21.90 18.10 -4.74
C ARG C 71 22.34 19.52 -4.39
N ASP C 72 23.61 19.65 -4.00
CA ASP C 72 24.22 20.92 -3.66
C ASP C 72 25.46 21.09 -4.52
N ASN C 73 25.45 22.10 -5.40
CA ASN C 73 26.58 22.29 -6.31
C ASN C 73 27.83 22.73 -5.57
N SER C 74 27.68 23.55 -4.53
CA SER C 74 28.84 24.03 -3.79
C SER C 74 29.53 22.93 -3.02
N LYS C 75 28.78 21.92 -2.56
CA LYS C 75 29.34 20.82 -1.81
C LYS C 75 29.57 19.56 -2.63
N ASN C 76 29.05 19.53 -3.87
CA ASN C 76 29.12 18.35 -4.73
C ASN C 76 28.62 17.11 -3.97
N THR C 77 27.38 17.20 -3.51
CA THR C 77 26.79 16.18 -2.65
C THR C 77 25.36 15.90 -3.10
N LEU C 78 25.02 14.62 -3.16
CA LEU C 78 23.67 14.18 -3.49
C LEU C 78 22.94 13.82 -2.21
N TYR C 79 21.68 14.25 -2.11
CA TYR C 79 20.88 14.06 -0.91
C TYR C 79 19.65 13.22 -1.23
N LEU C 80 19.09 12.61 -0.18
CA LEU C 80 17.84 11.84 -0.30
C LEU C 80 17.04 12.06 0.99
N GLN C 81 16.08 12.97 0.95
CA GLN C 81 15.24 13.26 2.10
C GLN C 81 14.13 12.22 2.17
N MET C 82 14.02 11.54 3.31
CA MET C 82 13.03 10.49 3.51
C MET C 82 12.05 10.91 4.59
N ASN C 83 10.76 10.91 4.27
CA ASN C 83 9.72 11.33 5.20
C ASN C 83 8.66 10.24 5.29
N SER C 84 7.94 10.24 6.41
CA SER C 84 6.90 9.25 6.69
C SER C 84 7.43 7.83 6.48
N LEU C 85 8.60 7.58 7.05
CA LEU C 85 9.27 6.30 6.85
C LEU C 85 8.45 5.15 7.40
N ARG C 86 8.46 4.04 6.67
CA ARG C 86 7.73 2.83 7.04
C ARG C 86 8.71 1.70 7.28
N ALA C 87 8.22 0.64 7.93
CA ALA C 87 9.09 -0.50 8.22
C ALA C 87 9.65 -1.14 6.96
N GLU C 88 8.90 -1.09 5.85
CA GLU C 88 9.37 -1.66 4.60
C GLU C 88 10.36 -0.77 3.87
N ASP C 89 10.73 0.37 4.44
CA ASP C 89 11.80 1.20 3.89
C ASP C 89 13.17 0.78 4.40
N THR C 90 13.23 -0.23 5.26
CA THR C 90 14.48 -0.68 5.85
C THR C 90 15.34 -1.36 4.80
N ALA C 91 16.49 -0.77 4.48
CA ALA C 91 17.37 -1.33 3.45
C ALA C 91 18.71 -0.62 3.50
N VAL C 92 19.64 -1.12 2.70
CA VAL C 92 20.89 -0.43 2.38
C VAL C 92 20.61 0.49 1.21
N TYR C 93 21.09 1.73 1.28
CA TYR C 93 20.75 2.75 0.31
C TYR C 93 22.00 3.16 -0.45
N TYR C 94 22.16 2.60 -1.65
CA TYR C 94 23.27 2.96 -2.52
C TYR C 94 22.92 4.19 -3.35
N CYS C 95 23.84 5.15 -3.38
CA CYS C 95 23.79 6.24 -4.35
C CYS C 95 24.77 5.93 -5.48
N ALA C 96 24.36 6.19 -6.70
CA ALA C 96 25.16 5.82 -7.86
C ALA C 96 25.08 6.90 -8.93
N ARG C 97 26.22 7.18 -9.55
CA ARG C 97 26.25 7.93 -10.79
C ARG C 97 25.78 7.01 -11.90
N ASP C 98 24.56 7.25 -12.40
CA ASP C 98 23.95 6.35 -13.38
C ASP C 98 24.83 6.16 -14.60
N HIS C 99 24.87 4.93 -15.10
CA HIS C 99 25.55 4.66 -16.36
C HIS C 99 24.84 5.35 -17.51
N VAL C 100 25.59 6.08 -18.32
CA VAL C 100 25.05 6.76 -19.49
C VAL C 100 25.92 6.46 -20.70
N ARG C 101 27.20 6.18 -20.45
CA ARG C 101 28.18 6.03 -21.52
C ARG C 101 29.34 5.20 -20.97
N PRO C 102 30.15 4.55 -21.89
CA PRO C 102 31.19 3.60 -21.48
C PRO C 102 31.47 3.41 -19.99
N GLY C 103 32.34 4.23 -19.42
CA GLY C 103 32.84 3.94 -18.08
C GLY C 103 32.58 4.99 -17.02
N MET C 104 31.34 5.46 -16.92
CA MET C 104 30.98 6.44 -15.89
C MET C 104 30.11 5.86 -14.77
N ASN C 105 29.79 4.57 -14.80
CA ASN C 105 28.93 3.99 -13.78
C ASN C 105 29.74 3.71 -12.53
N ILE C 106 29.38 4.37 -11.43
CA ILE C 106 30.06 4.21 -10.15
C ILE C 106 29.00 4.21 -9.04
N TRP C 107 29.12 3.26 -8.12
CA TRP C 107 28.19 3.10 -7.01
C TRP C 107 28.85 3.48 -5.70
N GLY C 108 28.05 3.99 -4.77
CA GLY C 108 28.49 4.17 -3.41
C GLY C 108 28.64 2.85 -2.68
N GLN C 109 28.69 2.89 -1.35
CA GLN C 109 28.73 1.68 -0.55
C GLN C 109 27.50 1.48 0.31
N GLY C 110 26.53 2.40 0.25
CA GLY C 110 25.29 2.23 0.97
C GLY C 110 25.38 2.52 2.45
N THR C 111 24.27 2.96 3.02
CA THR C 111 24.14 3.16 4.46
C THR C 111 22.88 2.43 4.91
N MET C 112 22.91 1.89 6.12
CA MET C 112 21.85 1.04 6.61
C MET C 112 20.79 1.90 7.29
N VAL C 113 19.63 2.00 6.66
CA VAL C 113 18.47 2.67 7.24
C VAL C 113 17.59 1.60 7.88
N THR C 114 17.40 1.71 9.19
CA THR C 114 16.63 0.73 9.96
C THR C 114 15.43 1.45 10.59
N VAL C 115 14.26 1.28 9.99
CA VAL C 115 13.04 1.91 10.48
C VAL C 115 12.41 0.96 11.49
N SER C 116 12.54 1.28 12.77
CA SER C 116 11.97 0.48 13.84
C SER C 116 11.74 1.38 15.05
N SER C 117 11.06 0.83 16.06
CA SER C 117 10.70 1.61 17.24
C SER C 117 11.53 1.26 18.48
N ALA C 118 12.38 0.24 18.41
CA ALA C 118 13.22 -0.12 19.55
C ALA C 118 14.36 0.89 19.70
N SER C 119 14.98 0.88 20.89
CA SER C 119 16.08 1.79 21.19
C SER C 119 17.40 1.23 20.65
N THR C 120 18.44 2.07 20.74
CA THR C 120 19.78 1.73 20.29
C THR C 120 20.61 1.24 21.47
N LYS C 121 21.33 0.14 21.28
CA LYS C 121 22.20 -0.41 22.31
C LYS C 121 23.56 -0.75 21.71
N GLY C 122 24.62 -0.23 22.32
CA GLY C 122 25.97 -0.53 21.92
C GLY C 122 26.35 -1.95 22.28
N PRO C 123 27.20 -2.57 21.46
CA PRO C 123 27.53 -3.98 21.67
C PRO C 123 28.49 -4.18 22.82
N SER C 124 28.45 -5.41 23.36
CA SER C 124 29.44 -5.89 24.33
C SER C 124 30.37 -6.85 23.62
N VAL C 125 31.68 -6.64 23.80
CA VAL C 125 32.70 -7.42 23.12
C VAL C 125 33.39 -8.31 24.14
N PHE C 126 33.33 -9.62 23.93
CA PHE C 126 33.99 -10.58 24.80
C PHE C 126 35.02 -11.37 24.01
N PRO C 127 36.15 -11.73 24.63
CA PRO C 127 37.21 -12.42 23.91
C PRO C 127 36.95 -13.92 23.78
N LEU C 128 37.44 -14.47 22.67
CA LEU C 128 37.41 -15.92 22.41
C LEU C 128 38.86 -16.39 22.40
N ALA C 129 39.33 -16.89 23.55
CA ALA C 129 40.74 -17.18 23.74
C ALA C 129 41.14 -18.48 23.05
N PRO C 130 42.33 -18.54 22.47
CA PRO C 130 42.78 -19.78 21.84
C PRO C 130 43.11 -20.84 22.88
N SER C 131 42.98 -22.09 22.47
CA SER C 131 43.28 -23.22 23.35
C SER C 131 44.77 -23.24 23.69
N THR C 135 44.58 -27.20 22.38
CA THR C 135 45.96 -26.73 22.31
C THR C 135 46.72 -27.48 21.22
N SER C 136 46.05 -27.70 20.08
CA SER C 136 46.64 -28.49 19.01
C SER C 136 47.90 -27.81 18.47
N GLY C 137 48.95 -28.62 18.28
CA GLY C 137 50.30 -28.18 17.97
C GLY C 137 50.49 -27.03 17.01
N GLY C 138 50.05 -27.20 15.77
CA GLY C 138 50.46 -26.28 14.71
C GLY C 138 49.70 -24.97 14.59
N THR C 139 48.37 -25.03 14.52
CA THR C 139 47.56 -23.86 14.27
C THR C 139 46.55 -23.67 15.40
N ALA C 140 46.28 -22.41 15.74
CA ALA C 140 45.34 -22.07 16.80
C ALA C 140 44.30 -21.10 16.24
N ALA C 141 43.20 -20.94 16.98
CA ALA C 141 42.10 -20.08 16.58
C ALA C 141 41.68 -19.18 17.73
N LEU C 142 41.30 -17.94 17.40
CA LEU C 142 40.86 -16.98 18.40
C LEU C 142 39.96 -15.96 17.70
N GLY C 143 39.15 -15.28 18.49
CA GLY C 143 38.22 -14.34 17.89
C GLY C 143 37.55 -13.46 18.93
N CYS C 144 36.51 -12.78 18.48
CA CYS C 144 35.76 -11.83 19.31
C CYS C 144 34.27 -12.07 19.16
N LEU C 145 33.54 -12.00 20.28
CA LEU C 145 32.10 -12.08 20.29
C LEU C 145 31.53 -10.66 20.43
N VAL C 146 30.69 -10.27 19.48
CA VAL C 146 30.03 -8.98 19.49
C VAL C 146 28.56 -9.26 19.77
N LYS C 147 28.16 -9.14 21.05
CA LYS C 147 26.88 -9.64 21.52
C LYS C 147 25.97 -8.49 21.95
N ASP C 148 24.67 -8.65 21.67
CA ASP C 148 23.62 -7.76 22.14
C ASP C 148 23.83 -6.33 21.67
N TYR C 149 23.48 -6.05 20.41
CA TYR C 149 23.50 -4.69 19.89
C TYR C 149 22.34 -4.52 18.92
N PHE C 150 22.06 -3.27 18.59
CA PHE C 150 20.98 -2.91 17.69
C PHE C 150 21.10 -1.43 17.35
N PRO C 151 20.91 -1.03 16.09
CA PRO C 151 20.62 -1.93 14.97
C PRO C 151 21.87 -2.38 14.21
N GLU C 152 21.65 -2.98 13.04
CA GLU C 152 22.75 -3.32 12.15
C GLU C 152 23.30 -2.05 11.51
N PRO C 153 24.58 -2.06 11.09
CA PRO C 153 25.54 -3.15 11.29
C PRO C 153 26.70 -2.78 12.21
N VAL C 154 27.64 -3.70 12.37
CA VAL C 154 28.90 -3.44 13.04
C VAL C 154 30.02 -3.87 12.12
N THR C 155 31.19 -3.25 12.29
CA THR C 155 32.37 -3.55 11.50
C THR C 155 33.48 -4.01 12.43
N VAL C 156 34.18 -5.07 12.05
CA VAL C 156 35.21 -5.67 12.87
C VAL C 156 36.47 -5.86 12.03
N SER C 157 37.59 -5.35 12.53
CA SER C 157 38.91 -5.61 11.94
C SER C 157 39.82 -6.13 13.04
N TRP C 158 41.09 -6.34 12.73
CA TRP C 158 42.03 -6.88 13.70
C TRP C 158 43.35 -6.12 13.66
N ASN C 159 43.85 -5.76 14.84
CA ASN C 159 45.13 -5.05 14.98
C ASN C 159 45.13 -3.74 14.19
N SER C 160 43.98 -3.06 14.20
CA SER C 160 43.79 -1.82 13.45
C SER C 160 44.04 -2.04 11.95
N GLY C 161 43.40 -3.08 11.41
CA GLY C 161 43.51 -3.40 10.01
C GLY C 161 44.81 -4.05 9.57
N ALA C 162 45.73 -4.30 10.50
CA ALA C 162 47.01 -4.92 10.16
C ALA C 162 46.91 -6.43 9.99
N LEU C 163 45.71 -7.01 10.12
CA LEU C 163 45.51 -8.45 10.01
C LEU C 163 44.31 -8.71 9.13
N THR C 164 44.53 -9.40 8.02
CA THR C 164 43.47 -9.69 7.06
C THR C 164 43.39 -11.16 6.67
N SER C 165 44.53 -11.84 6.56
CA SER C 165 44.54 -13.22 6.11
C SER C 165 44.01 -14.15 7.20
N GLY C 166 43.17 -15.10 6.79
CA GLY C 166 42.62 -16.06 7.72
C GLY C 166 41.49 -15.54 8.59
N VAL C 167 40.94 -14.36 8.27
CA VAL C 167 39.88 -13.76 9.06
C VAL C 167 38.53 -14.12 8.46
N HIS C 168 37.59 -14.49 9.31
CA HIS C 168 36.22 -14.77 8.92
C HIS C 168 35.29 -14.06 9.90
N THR C 169 34.54 -13.09 9.41
CA THR C 169 33.59 -12.34 10.24
C THR C 169 32.18 -12.82 9.89
N PHE C 170 31.53 -13.48 10.83
CA PHE C 170 30.25 -14.12 10.54
C PHE C 170 29.13 -13.08 10.51
N PRO C 171 28.11 -13.30 9.69
CA PRO C 171 26.93 -12.43 9.73
C PRO C 171 26.22 -12.54 11.06
N ALA C 172 25.64 -11.41 11.49
CA ALA C 172 24.98 -11.35 12.79
C ALA C 172 23.70 -12.16 12.81
N VAL C 173 23.42 -12.74 13.98
CA VAL C 173 22.18 -13.47 14.23
C VAL C 173 21.28 -12.59 15.07
N LEU C 174 19.97 -12.71 14.86
CA LEU C 174 18.99 -11.95 15.63
C LEU C 174 18.46 -12.87 16.72
N GLN C 175 18.90 -12.61 17.96
CA GLN C 175 18.52 -13.43 19.09
C GLN C 175 17.05 -13.20 19.46
N SER C 176 16.53 -14.10 20.29
CA SER C 176 15.14 -13.97 20.75
C SER C 176 14.91 -12.68 21.51
N SER C 177 15.98 -12.05 21.99
CA SER C 177 15.88 -10.78 22.71
C SER C 177 15.66 -9.58 21.79
N GLY C 178 15.75 -9.77 20.47
CA GLY C 178 15.67 -8.68 19.53
C GLY C 178 16.99 -7.99 19.26
N LEU C 179 18.06 -8.36 19.96
CA LEU C 179 19.38 -7.81 19.73
C LEU C 179 20.21 -8.77 18.88
N TYR C 180 21.20 -8.20 18.19
CA TYR C 180 22.03 -8.98 17.28
C TYR C 180 23.26 -9.51 18.00
N SER C 181 23.68 -10.71 17.61
CA SER C 181 24.87 -11.34 18.13
C SER C 181 25.75 -11.73 16.95
N LEU C 182 27.06 -11.53 17.11
CA LEU C 182 27.98 -11.72 16.00
C LEU C 182 29.34 -12.12 16.56
N SER C 183 30.11 -12.84 15.75
CA SER C 183 31.44 -13.30 16.12
C SER C 183 32.35 -13.20 14.91
N SER C 184 33.61 -12.83 15.16
CA SER C 184 34.61 -12.71 14.11
C SER C 184 35.89 -13.34 14.62
N VAL C 185 36.45 -14.26 13.82
CA VAL C 185 37.56 -15.09 14.26
C VAL C 185 38.69 -15.00 13.24
N VAL C 186 39.83 -15.59 13.61
CA VAL C 186 41.01 -15.63 12.75
C VAL C 186 41.85 -16.82 13.19
N THR C 187 42.44 -17.52 12.22
CA THR C 187 43.33 -18.63 12.49
C THR C 187 44.77 -18.13 12.38
N VAL C 188 45.54 -18.32 13.45
CA VAL C 188 46.94 -17.92 13.49
C VAL C 188 47.77 -19.12 13.89
N PRO C 189 49.06 -19.13 13.56
CA PRO C 189 49.92 -20.21 14.05
C PRO C 189 50.06 -20.15 15.56
N SER C 190 50.09 -21.33 16.19
CA SER C 190 50.13 -21.42 17.64
C SER C 190 51.41 -20.85 18.24
N SER C 191 52.44 -20.58 17.43
CA SER C 191 53.70 -20.10 17.96
C SER C 191 53.63 -18.63 18.38
N SER C 192 52.97 -17.80 17.59
CA SER C 192 52.93 -16.36 17.82
C SER C 192 52.00 -15.94 18.96
N LEU C 193 51.45 -16.89 19.72
CA LEU C 193 50.49 -16.54 20.77
C LEU C 193 51.17 -15.80 21.91
N GLY C 194 52.40 -16.15 22.24
CA GLY C 194 53.10 -15.55 23.36
C GLY C 194 53.82 -14.26 23.06
N THR C 195 53.97 -13.90 21.80
CA THR C 195 54.76 -12.73 21.41
C THR C 195 53.97 -11.68 20.64
N GLN C 196 52.90 -12.07 19.94
CA GLN C 196 52.12 -11.14 19.13
C GLN C 196 50.80 -10.87 19.84
N THR C 197 50.44 -9.60 19.97
CA THR C 197 49.20 -9.21 20.63
C THR C 197 48.09 -9.09 19.60
N TYR C 198 46.90 -9.54 19.98
CA TYR C 198 45.75 -9.57 19.09
C TYR C 198 44.63 -8.74 19.69
N ILE C 199 44.17 -7.75 18.93
CA ILE C 199 43.12 -6.82 19.36
C ILE C 199 42.13 -6.71 18.21
N CYS C 200 40.85 -6.96 18.49
CA CYS C 200 39.81 -6.78 17.50
C CYS C 200 39.20 -5.39 17.65
N ASN C 201 39.01 -4.73 16.52
CA ASN C 201 38.56 -3.33 16.47
C ASN C 201 37.11 -3.31 15.98
N VAL C 202 36.19 -3.12 16.91
CA VAL C 202 34.75 -3.15 16.61
C VAL C 202 34.24 -1.72 16.53
N ASN C 203 33.33 -1.48 15.58
CA ASN C 203 32.73 -0.17 15.39
C ASN C 203 31.23 -0.33 15.17
N HIS C 204 30.43 0.42 15.93
CA HIS C 204 28.97 0.40 15.80
C HIS C 204 28.51 1.85 15.67
N LYS C 205 28.26 2.28 14.44
CA LYS C 205 27.96 3.69 14.19
C LYS C 205 26.68 4.19 14.85
N PRO C 206 25.55 3.45 14.87
CA PRO C 206 24.33 4.03 15.48
C PRO C 206 24.48 4.38 16.95
N SER C 207 25.31 3.65 17.71
CA SER C 207 25.53 3.96 19.11
C SER C 207 26.80 4.78 19.34
N ASN C 208 27.55 5.08 18.28
CA ASN C 208 28.82 5.79 18.38
C ASN C 208 29.76 5.09 19.35
N THR C 209 29.73 3.76 19.32
CA THR C 209 30.54 2.92 20.18
C THR C 209 31.67 2.31 19.36
N LYS C 210 32.90 2.50 19.83
CA LYS C 210 34.09 1.96 19.18
C LYS C 210 34.93 1.27 20.25
N VAL C 211 35.01 -0.06 20.18
CA VAL C 211 35.60 -0.88 21.23
C VAL C 211 36.77 -1.68 20.67
N ASP C 212 37.82 -1.79 21.46
CA ASP C 212 38.95 -2.69 21.21
C ASP C 212 39.10 -3.64 22.40
N LYS C 213 39.26 -4.92 22.12
CA LYS C 213 39.41 -5.92 23.17
C LYS C 213 40.65 -6.76 22.95
N LYS C 214 41.50 -6.85 23.96
CA LYS C 214 42.65 -7.75 23.87
C LYS C 214 42.19 -9.20 23.92
N VAL C 215 42.68 -10.00 22.99
CA VAL C 215 42.43 -11.44 22.98
C VAL C 215 43.76 -12.12 23.27
N GLU C 216 43.81 -12.83 24.39
CA GLU C 216 45.02 -13.49 24.87
C GLU C 216 44.65 -14.81 25.52
N PRO C 217 45.60 -15.73 25.66
CA PRO C 217 45.28 -17.05 26.21
C PRO C 217 44.83 -17.00 27.66
N LYS C 218 44.19 -18.09 28.08
CA LYS C 218 43.69 -18.26 29.43
C LYS C 218 44.64 -19.13 30.26
N SER C 219 44.79 -18.79 31.53
CA SER C 219 45.62 -19.57 32.46
C SER C 219 45.30 -19.15 33.88
N CYS C 220 45.50 -20.07 34.81
CA CYS C 220 45.17 -19.85 36.21
C CYS C 220 46.29 -19.09 36.93
N ALA D 1 4.67 -0.64 -15.83
CA ALA D 1 6.08 -0.74 -15.51
C ALA D 1 6.63 -2.09 -15.95
N ILE D 2 7.86 -2.07 -16.46
CA ILE D 2 8.49 -3.28 -16.97
C ILE D 2 8.83 -4.22 -15.80
N ARG D 3 8.86 -5.52 -16.09
CA ARG D 3 9.17 -6.55 -15.10
C ARG D 3 10.19 -7.50 -15.70
N MET D 4 11.40 -7.51 -15.14
CA MET D 4 12.46 -8.40 -15.61
C MET D 4 12.39 -9.72 -14.85
N THR D 5 12.44 -10.83 -15.60
CA THR D 5 12.47 -12.16 -15.02
C THR D 5 13.84 -12.78 -15.30
N GLN D 6 14.46 -13.31 -14.24
CA GLN D 6 15.85 -13.76 -14.31
C GLN D 6 15.92 -15.22 -13.89
N SER D 7 16.44 -16.07 -14.78
CA SER D 7 16.63 -17.47 -14.50
C SER D 7 18.08 -17.86 -14.72
N PRO D 8 18.65 -18.73 -13.87
CA PRO D 8 17.98 -19.32 -12.71
C PRO D 8 18.09 -18.47 -11.45
N SER D 9 17.32 -18.83 -10.41
CA SER D 9 17.43 -18.12 -9.14
C SER D 9 18.75 -18.42 -8.46
N SER D 10 19.16 -19.69 -8.44
CA SER D 10 20.43 -20.12 -7.86
C SER D 10 21.18 -20.97 -8.88
N LEU D 11 22.46 -21.20 -8.59
CA LEU D 11 23.34 -21.87 -9.54
C LEU D 11 24.61 -22.32 -8.84
N SER D 12 25.06 -23.53 -9.15
CA SER D 12 26.34 -24.04 -8.69
C SER D 12 27.03 -24.73 -9.86
N ALA D 13 28.29 -24.38 -10.08
CA ALA D 13 29.05 -24.95 -11.19
C ALA D 13 30.51 -25.07 -10.79
N SER D 14 31.22 -25.94 -11.50
CA SER D 14 32.63 -26.18 -11.22
C SER D 14 33.48 -25.02 -11.73
N VAL D 15 34.71 -24.94 -11.22
CA VAL D 15 35.65 -23.94 -11.69
C VAL D 15 36.00 -24.26 -13.14
N GLY D 16 35.79 -23.29 -14.03
CA GLY D 16 36.07 -23.46 -15.44
C GLY D 16 34.88 -23.83 -16.30
N ASP D 17 33.74 -24.17 -15.70
CA ASP D 17 32.55 -24.51 -16.48
C ASP D 17 31.95 -23.25 -17.09
N ARG D 18 31.28 -23.42 -18.23
CA ARG D 18 30.54 -22.33 -18.84
C ARG D 18 29.28 -22.05 -18.03
N VAL D 19 29.10 -20.79 -17.63
CA VAL D 19 27.96 -20.37 -16.85
C VAL D 19 27.16 -19.37 -17.67
N THR D 20 25.85 -19.63 -17.79
CA THR D 20 24.96 -18.79 -18.59
C THR D 20 23.68 -18.54 -17.80
N ILE D 21 23.31 -17.27 -17.67
CA ILE D 21 22.05 -16.90 -17.06
C ILE D 21 21.25 -16.06 -18.06
N THR D 22 19.94 -16.11 -17.92
CA THR D 22 19.03 -15.41 -18.84
C THR D 22 18.21 -14.38 -18.08
N CYS D 23 17.67 -13.43 -18.84
CA CYS D 23 16.85 -12.35 -18.29
C CYS D 23 15.88 -11.95 -19.38
N GLN D 24 14.61 -12.35 -19.26
CA GLN D 24 13.59 -12.00 -20.25
C GLN D 24 12.84 -10.76 -19.79
N ALA D 25 12.65 -9.83 -20.72
CA ALA D 25 11.95 -8.58 -20.43
C ALA D 25 10.46 -8.73 -20.69
N SER D 26 9.65 -8.01 -19.90
CA SER D 26 8.21 -8.06 -20.09
C SER D 26 7.76 -7.28 -21.31
N GLN D 27 8.46 -6.19 -21.64
CA GLN D 27 8.23 -5.42 -22.85
C GLN D 27 9.52 -5.37 -23.67
N ASP D 28 9.43 -4.78 -24.86
CA ASP D 28 10.64 -4.48 -25.62
C ASP D 28 11.43 -3.39 -24.91
N ILE D 29 12.69 -3.68 -24.61
CA ILE D 29 13.60 -2.71 -24.04
C ILE D 29 14.83 -2.51 -24.93
N SER D 30 14.67 -2.80 -26.22
CA SER D 30 15.74 -2.68 -27.22
C SER D 30 16.95 -3.47 -26.76
N ASN D 31 18.08 -2.77 -26.55
CA ASN D 31 19.26 -3.39 -25.95
C ASN D 31 19.70 -2.64 -24.69
N TYR D 32 18.82 -1.83 -24.11
CA TYR D 32 19.15 -1.05 -22.91
C TYR D 32 18.97 -1.95 -21.68
N LEU D 33 19.88 -2.91 -21.55
CA LEU D 33 19.90 -3.82 -20.42
C LEU D 33 21.33 -3.98 -19.94
N ASN D 34 21.55 -3.76 -18.65
CA ASN D 34 22.87 -3.89 -18.06
C ASN D 34 22.92 -5.08 -17.11
N TRP D 35 24.14 -5.51 -16.80
CA TRP D 35 24.38 -6.64 -15.92
C TRP D 35 25.33 -6.21 -14.81
N TYR D 36 25.00 -6.58 -13.57
CA TYR D 36 25.78 -6.20 -12.41
C TYR D 36 26.23 -7.45 -11.65
N GLN D 37 27.41 -7.34 -11.02
CA GLN D 37 27.94 -8.37 -10.13
C GLN D 37 28.03 -7.78 -8.74
N GLN D 38 27.33 -8.40 -7.78
CA GLN D 38 27.35 -7.94 -6.39
C GLN D 38 27.97 -9.03 -5.52
N LYS D 39 29.25 -8.86 -5.20
CA LYS D 39 29.90 -9.72 -4.23
C LYS D 39 29.31 -9.49 -2.85
N PRO D 40 29.43 -10.47 -1.94
CA PRO D 40 28.79 -10.34 -0.62
C PRO D 40 29.23 -9.09 0.12
N GLY D 41 28.25 -8.31 0.56
CA GLY D 41 28.50 -7.14 1.37
C GLY D 41 28.85 -5.89 0.58
N LYS D 42 29.47 -6.07 -0.58
CA LYS D 42 29.90 -4.94 -1.38
C LYS D 42 28.75 -4.44 -2.26
N ALA D 43 29.01 -3.33 -2.94
CA ALA D 43 28.02 -2.74 -3.84
C ALA D 43 27.98 -3.49 -5.17
N PRO D 44 26.88 -3.36 -5.90
CA PRO D 44 26.86 -3.92 -7.27
C PRO D 44 27.92 -3.28 -8.14
N LYS D 45 28.45 -4.06 -9.06
CA LYS D 45 29.54 -3.65 -9.94
C LYS D 45 29.12 -3.92 -11.38
N LEU D 46 29.11 -2.88 -12.21
CA LEU D 46 28.65 -3.01 -13.58
C LEU D 46 29.64 -3.83 -14.39
N LEU D 47 29.16 -4.90 -15.02
CA LEU D 47 29.99 -5.74 -15.88
C LEU D 47 29.67 -5.53 -17.35
N ILE D 48 28.42 -5.74 -17.75
CA ILE D 48 27.99 -5.58 -19.13
C ILE D 48 26.99 -4.44 -19.21
N TYR D 49 27.19 -3.54 -20.16
CA TYR D 49 26.25 -2.45 -20.41
C TYR D 49 25.76 -2.54 -21.86
N ASP D 50 24.52 -2.11 -22.07
CA ASP D 50 23.87 -2.20 -23.37
C ASP D 50 23.89 -3.63 -23.91
N ALA D 51 23.44 -4.56 -23.07
CA ALA D 51 23.21 -5.96 -23.43
C ALA D 51 24.49 -6.75 -23.69
N SER D 52 25.41 -6.21 -24.49
CA SER D 52 26.55 -7.00 -24.96
C SER D 52 27.92 -6.37 -24.76
N ASN D 53 28.00 -5.11 -24.34
CA ASN D 53 29.27 -4.40 -24.28
C ASN D 53 29.93 -4.55 -22.92
N LEU D 54 31.22 -4.88 -22.93
CA LEU D 54 31.99 -5.13 -21.73
C LEU D 54 32.54 -3.82 -21.17
N GLU D 55 32.29 -3.56 -19.90
CA GLU D 55 32.84 -2.40 -19.23
C GLU D 55 34.36 -2.50 -19.13
N THR D 56 35.03 -1.35 -19.23
CA THR D 56 36.48 -1.32 -19.20
C THR D 56 37.01 -1.89 -17.87
N GLY D 57 37.86 -2.90 -17.97
CA GLY D 57 38.47 -3.53 -16.82
C GLY D 57 37.89 -4.89 -16.47
N VAL D 58 36.71 -5.22 -16.98
CA VAL D 58 36.12 -6.54 -16.70
C VAL D 58 36.89 -7.60 -17.45
N PRO D 59 37.18 -8.76 -16.84
CA PRO D 59 37.87 -9.83 -17.57
C PRO D 59 37.08 -10.29 -18.78
N SER D 60 37.81 -10.84 -19.76
CA SER D 60 37.19 -11.26 -21.01
C SER D 60 36.20 -12.41 -20.84
N ARG D 61 36.27 -13.14 -19.73
CA ARG D 61 35.41 -14.30 -19.54
C ARG D 61 33.93 -13.92 -19.38
N PHE D 62 33.60 -12.63 -19.28
CA PHE D 62 32.23 -12.21 -19.12
C PHE D 62 31.67 -11.78 -20.47
N SER D 63 30.49 -12.30 -20.80
CA SER D 63 29.89 -12.11 -22.12
C SER D 63 28.42 -11.74 -21.95
N GLY D 64 27.87 -11.18 -23.03
CA GLY D 64 26.48 -10.79 -23.06
C GLY D 64 25.93 -10.69 -24.47
N SER D 65 24.69 -11.13 -24.68
CA SER D 65 24.07 -11.03 -25.98
C SER D 65 22.56 -10.91 -25.80
N GLY D 66 21.89 -10.48 -26.87
CA GLY D 66 20.46 -10.39 -26.87
C GLY D 66 19.93 -9.00 -27.22
N SER D 67 18.73 -8.96 -27.78
CA SER D 67 18.07 -7.72 -28.11
C SER D 67 16.57 -7.95 -28.11
N GLY D 68 15.81 -6.86 -27.94
CA GLY D 68 14.37 -6.97 -27.88
C GLY D 68 13.85 -7.30 -26.48
N THR D 69 13.68 -8.60 -26.20
CA THR D 69 13.12 -9.03 -24.92
C THR D 69 13.89 -10.14 -24.23
N ASP D 70 14.73 -10.89 -24.93
CA ASP D 70 15.44 -12.03 -24.34
C ASP D 70 16.94 -11.78 -24.41
N PHE D 71 17.61 -11.86 -23.26
CA PHE D 71 19.04 -11.58 -23.16
C PHE D 71 19.75 -12.70 -22.42
N THR D 72 21.07 -12.74 -22.60
CA THR D 72 21.92 -13.75 -21.98
C THR D 72 23.17 -13.09 -21.41
N PHE D 73 23.69 -13.70 -20.35
CA PHE D 73 24.93 -13.27 -19.71
C PHE D 73 25.78 -14.53 -19.52
N THR D 74 26.97 -14.54 -20.10
CA THR D 74 27.77 -15.75 -20.16
C THR D 74 29.12 -15.53 -19.48
N ILE D 75 29.49 -16.46 -18.60
CA ILE D 75 30.82 -16.52 -18.04
C ILE D 75 31.56 -17.65 -18.75
N SER D 76 32.64 -17.31 -19.46
CA SER D 76 33.38 -18.27 -20.26
C SER D 76 33.88 -19.43 -19.40
N SER D 77 34.81 -19.15 -18.49
CA SER D 77 35.29 -20.14 -17.54
C SER D 77 35.14 -19.56 -16.14
N LEU D 78 34.30 -20.20 -15.33
CA LEU D 78 33.99 -19.68 -14.00
C LEU D 78 35.24 -19.70 -13.13
N GLN D 79 35.48 -18.60 -12.44
CA GLN D 79 36.62 -18.48 -11.55
C GLN D 79 36.16 -18.37 -10.10
N PRO D 80 36.97 -18.78 -9.13
CA PRO D 80 36.51 -18.78 -7.74
C PRO D 80 36.05 -17.42 -7.24
N GLU D 81 36.73 -16.34 -7.65
CA GLU D 81 36.31 -15.02 -7.21
C GLU D 81 35.05 -14.52 -7.93
N ASP D 82 34.51 -15.28 -8.87
CA ASP D 82 33.27 -14.88 -9.54
C ASP D 82 32.03 -15.15 -8.70
N ILE D 83 32.18 -15.70 -7.50
CA ILE D 83 31.02 -15.99 -6.66
C ILE D 83 30.38 -14.67 -6.24
N ALA D 84 29.09 -14.53 -6.54
CA ALA D 84 28.33 -13.32 -6.23
C ALA D 84 26.88 -13.53 -6.63
N THR D 85 26.05 -12.51 -6.39
CA THR D 85 24.69 -12.49 -6.91
C THR D 85 24.66 -11.53 -8.09
N TYR D 86 24.15 -11.99 -9.23
CA TYR D 86 24.17 -11.25 -10.48
C TYR D 86 22.76 -10.78 -10.82
N TYR D 87 22.64 -9.49 -11.14
CA TYR D 87 21.36 -8.88 -11.47
C TYR D 87 21.38 -8.29 -12.87
N CYS D 88 20.21 -8.22 -13.48
CA CYS D 88 20.00 -7.50 -14.73
C CYS D 88 19.09 -6.31 -14.48
N GLN D 89 19.32 -5.22 -15.21
CA GLN D 89 18.49 -4.03 -15.09
C GLN D 89 18.25 -3.41 -16.45
N GLN D 90 17.03 -2.91 -16.65
CA GLN D 90 16.72 -2.03 -17.76
C GLN D 90 16.62 -0.60 -17.23
N TYR D 91 17.02 0.37 -18.05
CA TYR D 91 17.04 1.75 -17.61
C TYR D 91 16.46 2.75 -18.59
N ASP D 92 16.26 2.38 -19.86
CA ASP D 92 15.74 3.33 -20.84
C ASP D 92 14.33 3.78 -20.49
N ASN D 93 13.47 2.84 -20.16
CA ASN D 93 12.09 3.13 -19.80
C ASN D 93 11.96 3.18 -18.28
N LEU D 94 11.29 4.22 -17.79
CA LEU D 94 11.05 4.50 -16.38
C LEU D 94 9.74 3.84 -15.92
N PRO D 95 9.70 3.30 -14.69
CA PRO D 95 10.82 3.26 -13.75
C PRO D 95 11.88 2.21 -14.09
N VAL D 96 13.08 2.36 -13.52
CA VAL D 96 14.13 1.38 -13.71
C VAL D 96 13.80 0.11 -12.92
N THR D 97 13.96 -1.04 -13.55
CA THR D 97 13.59 -2.31 -12.97
C THR D 97 14.78 -3.26 -12.99
N PHE D 98 14.85 -4.11 -11.96
CA PHE D 98 15.91 -5.10 -11.82
C PHE D 98 15.36 -6.51 -11.98
N GLY D 99 16.27 -7.46 -12.10
CA GLY D 99 15.91 -8.87 -12.09
C GLY D 99 15.90 -9.43 -10.68
N GLY D 100 15.44 -10.68 -10.58
CA GLY D 100 15.36 -11.33 -9.29
C GLY D 100 16.71 -11.65 -8.68
N GLY D 101 17.74 -11.76 -9.51
CA GLY D 101 19.07 -12.09 -9.04
C GLY D 101 19.42 -13.54 -9.29
N THR D 102 20.72 -13.80 -9.42
CA THR D 102 21.22 -15.16 -9.61
C THR D 102 22.44 -15.33 -8.70
N LYS D 103 22.30 -16.15 -7.67
CA LYS D 103 23.42 -16.46 -6.79
C LYS D 103 24.25 -17.57 -7.42
N VAL D 104 25.56 -17.37 -7.47
CA VAL D 104 26.47 -18.31 -8.12
C VAL D 104 27.42 -18.85 -7.08
N ASP D 105 27.54 -20.18 -7.02
CA ASP D 105 28.41 -20.85 -6.08
C ASP D 105 29.37 -21.76 -6.84
N ILE D 106 30.56 -21.95 -6.29
CA ILE D 106 31.58 -22.79 -6.89
C ILE D 106 31.35 -24.23 -6.46
N LYS D 107 31.56 -25.15 -7.40
CA LYS D 107 31.57 -26.59 -7.10
C LYS D 107 33.04 -27.00 -7.04
N ARG D 108 33.58 -27.06 -5.83
CA ARG D 108 34.96 -27.46 -5.61
C ARG D 108 35.00 -28.88 -5.03
N THR D 109 36.16 -29.25 -4.48
CA THR D 109 36.35 -30.56 -3.87
C THR D 109 35.96 -30.54 -2.39
N VAL D 110 35.87 -31.73 -1.81
CA VAL D 110 35.41 -31.87 -0.43
C VAL D 110 36.51 -31.42 0.52
N ALA D 111 36.13 -30.65 1.55
CA ALA D 111 37.06 -30.16 2.56
C ALA D 111 36.48 -30.39 3.95
N ALA D 112 37.28 -31.02 4.82
CA ALA D 112 36.84 -31.28 6.19
C ALA D 112 37.07 -30.04 7.05
N PRO D 113 36.18 -29.76 7.99
CA PRO D 113 36.32 -28.56 8.83
C PRO D 113 37.32 -28.75 9.96
N SER D 114 37.97 -27.64 10.33
CA SER D 114 38.76 -27.57 11.54
C SER D 114 37.86 -27.09 12.68
N VAL D 115 37.76 -27.87 13.75
CA VAL D 115 36.79 -27.62 14.82
C VAL D 115 37.51 -26.99 16.00
N PHE D 116 36.95 -25.91 16.53
CA PHE D 116 37.44 -25.25 17.72
C PHE D 116 36.25 -24.92 18.61
N ILE D 117 36.48 -24.96 19.92
CA ILE D 117 35.44 -24.65 20.90
C ILE D 117 35.98 -23.60 21.86
N PHE D 118 35.12 -22.67 22.25
CA PHE D 118 35.52 -21.54 23.10
C PHE D 118 34.58 -21.45 24.30
N PRO D 119 35.09 -21.50 25.52
CA PRO D 119 34.24 -21.27 26.70
C PRO D 119 33.87 -19.81 26.82
N PRO D 120 32.85 -19.48 27.60
CA PRO D 120 32.53 -18.07 27.83
C PRO D 120 33.61 -17.39 28.64
N SER D 121 33.93 -16.15 28.27
CA SER D 121 34.94 -15.38 28.98
C SER D 121 34.50 -15.11 30.42
N ASP D 122 35.48 -15.07 31.32
CA ASP D 122 35.19 -14.67 32.69
C ASP D 122 34.61 -13.28 32.78
N GLU D 123 34.88 -12.43 31.78
CA GLU D 123 34.29 -11.10 31.74
C GLU D 123 32.78 -11.18 31.52
N GLN D 124 32.35 -12.03 30.59
CA GLN D 124 30.92 -12.18 30.34
C GLN D 124 30.21 -12.89 31.48
N LEU D 125 30.88 -13.83 32.15
CA LEU D 125 30.27 -14.54 33.26
C LEU D 125 29.89 -13.59 34.40
N LYS D 126 30.59 -12.47 34.52
CA LYS D 126 30.19 -11.46 35.50
C LYS D 126 28.87 -10.78 35.13
N SER D 127 28.48 -10.84 33.86
CA SER D 127 27.23 -10.25 33.39
C SER D 127 26.04 -11.16 33.61
N GLY D 128 26.23 -12.36 34.17
CA GLY D 128 25.15 -13.29 34.38
C GLY D 128 24.79 -14.14 33.18
N THR D 129 25.50 -14.01 32.06
CA THR D 129 25.21 -14.73 30.84
C THR D 129 26.49 -15.44 30.37
N ALA D 130 26.34 -16.64 29.83
CA ALA D 130 27.45 -17.42 29.31
C ALA D 130 27.19 -17.76 27.85
N SER D 131 28.22 -17.63 27.02
CA SER D 131 28.14 -17.93 25.60
C SER D 131 29.28 -18.86 25.21
N VAL D 132 28.94 -20.09 24.85
CA VAL D 132 29.92 -21.08 24.38
C VAL D 132 29.86 -21.10 22.86
N VAL D 133 31.03 -21.09 22.22
CA VAL D 133 31.14 -20.94 20.77
C VAL D 133 31.85 -22.16 20.19
N CYS D 134 31.30 -22.70 19.11
CA CYS D 134 31.90 -23.81 18.37
C CYS D 134 32.17 -23.36 16.94
N LEU D 135 33.38 -23.63 16.45
CA LEU D 135 33.86 -23.10 15.18
C LEU D 135 34.09 -24.22 14.17
N LEU D 136 33.60 -24.01 12.95
CA LEU D 136 33.92 -24.85 11.80
C LEU D 136 34.52 -23.94 10.73
N ASN D 137 35.81 -24.10 10.46
CA ASN D 137 36.56 -23.18 9.61
C ASN D 137 36.94 -23.84 8.30
N ASN D 138 36.61 -23.18 7.19
CA ASN D 138 37.06 -23.55 5.84
C ASN D 138 36.74 -25.01 5.50
N PHE D 139 35.48 -25.28 5.15
CA PHE D 139 35.04 -26.61 4.76
C PHE D 139 34.14 -26.50 3.54
N TYR D 140 33.84 -27.66 2.94
CA TYR D 140 32.92 -27.75 1.81
C TYR D 140 32.41 -29.18 1.73
N PRO D 141 31.11 -29.40 1.44
CA PRO D 141 30.12 -28.36 1.17
C PRO D 141 29.58 -27.67 2.42
N ARG D 142 28.63 -26.76 2.21
CA ARG D 142 28.06 -26.00 3.32
C ARG D 142 27.26 -26.89 4.26
N GLU D 143 26.75 -28.04 3.77
CA GLU D 143 25.97 -28.94 4.61
C GLU D 143 26.80 -29.41 5.79
N ALA D 144 26.38 -29.04 7.00
CA ALA D 144 27.09 -29.44 8.21
C ALA D 144 26.11 -29.47 9.37
N LYS D 145 26.21 -30.53 10.17
CA LYS D 145 25.37 -30.70 11.36
C LYS D 145 26.24 -30.50 12.59
N VAL D 146 25.86 -29.52 13.43
CA VAL D 146 26.54 -29.22 14.68
C VAL D 146 25.65 -29.70 15.83
N GLN D 147 26.24 -30.41 16.79
CA GLN D 147 25.50 -31.06 17.85
C GLN D 147 26.09 -30.66 19.20
N TRP D 148 25.31 -29.97 20.03
CA TRP D 148 25.76 -29.57 21.36
C TRP D 148 25.41 -30.66 22.37
N LYS D 149 26.39 -31.02 23.21
CA LYS D 149 26.19 -32.02 24.26
C LYS D 149 26.69 -31.46 25.59
N VAL D 150 25.81 -31.40 26.58
CA VAL D 150 26.11 -30.86 27.89
C VAL D 150 25.95 -31.97 28.92
N ASP D 151 27.08 -32.45 29.45
CA ASP D 151 27.10 -33.66 30.28
C ASP D 151 26.47 -34.83 29.53
N ASN D 152 26.81 -34.94 28.24
CA ASN D 152 26.31 -35.93 27.30
C ASN D 152 24.82 -35.75 26.96
N ALA D 153 24.22 -34.63 27.35
CA ALA D 153 22.83 -34.35 27.04
C ALA D 153 22.72 -33.52 25.77
N LEU D 154 21.91 -33.97 24.83
CA LEU D 154 21.76 -33.28 23.54
C LEU D 154 20.92 -32.02 23.73
N GLN D 155 21.52 -30.86 23.49
CA GLN D 155 20.83 -29.58 23.64
C GLN D 155 20.26 -29.13 22.30
N SER D 156 19.11 -28.47 22.35
CA SER D 156 18.46 -27.94 21.16
C SER D 156 17.57 -26.77 21.55
N GLY D 157 17.47 -25.79 20.65
CA GLY D 157 16.62 -24.64 20.85
C GLY D 157 17.26 -23.48 21.56
N ASN D 158 18.40 -23.70 22.22
CA ASN D 158 19.13 -22.64 22.91
C ASN D 158 20.39 -22.26 22.14
N SER D 159 20.46 -22.59 20.85
CA SER D 159 21.63 -22.37 20.03
C SER D 159 21.25 -21.67 18.73
N GLN D 160 22.12 -20.79 18.26
CA GLN D 160 21.99 -20.13 16.97
C GLN D 160 23.30 -20.27 16.22
N GLU D 161 23.23 -20.68 14.95
CA GLU D 161 24.43 -20.85 14.14
C GLU D 161 24.43 -19.88 12.96
N SER D 162 25.63 -19.62 12.46
CA SER D 162 25.85 -18.63 11.41
C SER D 162 26.96 -19.11 10.47
N VAL D 163 26.77 -18.91 9.17
CA VAL D 163 27.70 -19.38 8.16
C VAL D 163 28.15 -18.21 7.30
N THR D 164 29.44 -18.18 6.95
CA THR D 164 29.97 -17.16 6.06
C THR D 164 29.55 -17.45 4.63
N GLU D 165 29.87 -16.52 3.74
CA GLU D 165 29.76 -16.76 2.32
C GLU D 165 31.02 -17.45 1.81
N GLN D 166 30.91 -18.03 0.62
CA GLN D 166 32.02 -18.77 0.03
C GLN D 166 33.25 -17.87 -0.08
N ASP D 167 34.34 -18.27 0.54
CA ASP D 167 35.56 -17.48 0.49
C ASP D 167 35.99 -17.29 -0.96
N SER D 168 36.15 -16.03 -1.36
CA SER D 168 36.47 -15.73 -2.75
C SER D 168 37.79 -16.32 -3.21
N LYS D 169 38.59 -16.88 -2.30
CA LYS D 169 39.87 -17.49 -2.64
C LYS D 169 39.76 -19.01 -2.75
N ASP D 170 39.31 -19.67 -1.69
CA ASP D 170 39.26 -21.13 -1.62
C ASP D 170 37.87 -21.71 -1.82
N SER D 171 36.85 -20.86 -1.96
CA SER D 171 35.46 -21.32 -2.15
C SER D 171 35.02 -22.24 -1.02
N THR D 172 35.48 -21.94 0.20
CA THR D 172 35.12 -22.70 1.38
C THR D 172 34.23 -21.85 2.30
N TYR D 173 33.33 -22.52 3.01
CA TYR D 173 32.47 -21.87 3.98
C TYR D 173 33.06 -21.98 5.37
N SER D 174 32.47 -21.24 6.31
CA SER D 174 32.84 -21.32 7.71
C SER D 174 31.58 -21.15 8.55
N LEU D 175 31.47 -21.92 9.63
CA LEU D 175 30.25 -21.97 10.42
C LEU D 175 30.54 -21.60 11.88
N SER D 176 29.61 -20.86 12.48
CA SER D 176 29.72 -20.41 13.87
C SER D 176 28.44 -20.75 14.60
N SER D 177 28.52 -21.63 15.60
CA SER D 177 27.38 -22.04 16.40
C SER D 177 27.53 -21.48 17.81
N THR D 178 26.53 -20.71 18.26
CA THR D 178 26.58 -20.01 19.54
C THR D 178 25.52 -20.56 20.48
N LEU D 179 25.96 -21.08 21.64
CA LEU D 179 25.06 -21.54 22.69
C LEU D 179 24.97 -20.50 23.79
N THR D 180 23.74 -20.17 24.19
CA THR D 180 23.49 -19.13 25.18
C THR D 180 22.83 -19.74 26.40
N LEU D 181 23.47 -19.60 27.56
CA LEU D 181 22.94 -20.04 28.84
C LEU D 181 23.12 -18.94 29.88
N SER D 182 22.35 -19.05 30.96
CA SER D 182 22.59 -18.18 32.12
C SER D 182 23.81 -18.65 32.89
N LYS D 183 24.38 -17.73 33.68
CA LYS D 183 25.49 -18.10 34.55
C LYS D 183 25.11 -19.21 35.51
N ALA D 184 23.85 -19.21 35.96
CA ALA D 184 23.36 -20.30 36.80
C ALA D 184 23.35 -21.61 36.03
N ASP D 185 22.63 -21.63 34.89
CA ASP D 185 22.53 -22.85 34.10
C ASP D 185 23.89 -23.31 33.59
N TYR D 186 24.83 -22.38 33.39
CA TYR D 186 26.17 -22.77 32.97
C TYR D 186 26.91 -23.48 34.10
N GLU D 187 26.71 -23.03 35.34
CA GLU D 187 27.40 -23.60 36.49
C GLU D 187 26.71 -24.84 37.04
N LYS D 188 25.65 -25.33 36.40
CA LYS D 188 25.01 -26.57 36.78
C LYS D 188 25.59 -27.78 36.06
N HIS D 189 26.52 -27.57 35.14
CA HIS D 189 27.07 -28.65 34.34
C HIS D 189 28.58 -28.48 34.22
N LYS D 190 29.26 -29.59 33.94
CA LYS D 190 30.72 -29.64 33.89
C LYS D 190 31.29 -29.86 32.49
N VAL D 191 30.71 -30.76 31.70
CA VAL D 191 31.27 -31.14 30.41
C VAL D 191 30.48 -30.46 29.30
N TYR D 192 31.18 -29.67 28.49
CA TYR D 192 30.60 -28.98 27.34
C TYR D 192 31.38 -29.38 26.09
N ALA D 193 30.67 -29.69 25.02
CA ALA D 193 31.29 -30.16 23.79
C ALA D 193 30.34 -29.96 22.61
N CYS D 194 30.92 -29.86 21.43
CA CYS D 194 30.15 -29.80 20.18
C CYS D 194 30.60 -30.90 19.23
N GLU D 195 29.63 -31.62 18.67
CA GLU D 195 29.87 -32.76 17.80
C GLU D 195 29.59 -32.36 16.34
N VAL D 196 30.63 -32.38 15.51
CA VAL D 196 30.52 -31.95 14.12
C VAL D 196 30.49 -33.18 13.23
N THR D 197 29.44 -33.30 12.41
CA THR D 197 29.33 -34.34 11.39
C THR D 197 29.36 -33.68 10.02
N HIS D 198 30.18 -34.22 9.12
CA HIS D 198 30.38 -33.61 7.81
C HIS D 198 30.78 -34.68 6.80
N GLN D 199 30.57 -34.37 5.52
CA GLN D 199 30.90 -35.32 4.46
C GLN D 199 32.39 -35.64 4.44
N GLY D 200 33.23 -34.65 4.73
CA GLY D 200 34.66 -34.84 4.76
C GLY D 200 35.21 -35.54 5.97
N LEU D 201 34.35 -36.07 6.84
CA LEU D 201 34.77 -36.76 8.04
C LEU D 201 34.32 -38.21 7.98
N SER D 202 35.24 -39.14 8.22
CA SER D 202 34.88 -40.55 8.29
C SER D 202 34.08 -40.88 9.53
N SER D 203 34.13 -40.03 10.55
CA SER D 203 33.37 -40.18 11.78
C SER D 203 33.28 -38.82 12.45
N PRO D 204 32.23 -38.57 13.23
CA PRO D 204 32.06 -37.23 13.82
C PRO D 204 33.20 -36.86 14.76
N VAL D 205 33.64 -35.60 14.64
CA VAL D 205 34.74 -35.06 15.44
C VAL D 205 34.16 -34.21 16.57
N THR D 206 34.72 -34.34 17.77
CA THR D 206 34.21 -33.66 18.95
C THR D 206 35.34 -32.91 19.64
N LYS D 207 35.07 -31.65 19.99
CA LYS D 207 35.96 -30.84 20.80
C LYS D 207 35.23 -30.47 22.09
N SER D 208 35.88 -30.69 23.23
CA SER D 208 35.24 -30.55 24.54
C SER D 208 36.09 -29.71 25.47
N PHE D 209 35.48 -29.30 26.59
CA PHE D 209 36.19 -28.65 27.69
C PHE D 209 35.39 -28.86 28.96
N ASN D 210 36.08 -28.76 30.09
CA ASN D 210 35.47 -28.88 31.40
C ASN D 210 35.42 -27.50 32.05
N ARG D 211 34.27 -27.17 32.65
CA ARG D 211 34.08 -25.87 33.27
C ARG D 211 35.03 -25.69 34.44
N GLY D 212 35.89 -24.67 34.37
CA GLY D 212 36.83 -24.40 35.43
C GLY D 212 38.27 -24.77 35.12
N GLU D 213 38.47 -25.88 34.43
CA GLU D 213 39.81 -26.36 34.11
C GLU D 213 40.38 -25.65 32.89
N GLU E 1 -10.21 -17.14 1.79
CA GLU E 1 -9.96 -16.14 2.83
C GLU E 1 -10.43 -14.78 2.38
N VAL E 2 -11.71 -14.49 2.58
CA VAL E 2 -12.30 -13.23 2.13
C VAL E 2 -12.31 -12.25 3.29
N GLN E 3 -11.76 -11.06 3.04
CA GLN E 3 -11.61 -10.03 4.07
C GLN E 3 -11.22 -8.73 3.39
N LEU E 4 -11.54 -7.62 4.04
CA LEU E 4 -11.15 -6.28 3.60
C LEU E 4 -10.28 -5.64 4.66
N LEU E 5 -9.08 -5.22 4.26
CA LEU E 5 -8.14 -4.53 5.14
C LEU E 5 -7.91 -3.13 4.60
N GLU E 6 -8.09 -2.13 5.45
CA GLU E 6 -8.02 -0.74 5.03
C GLU E 6 -7.13 0.06 5.98
N SER E 7 -6.54 1.12 5.44
CA SER E 7 -5.62 1.98 6.19
C SER E 7 -5.63 3.37 5.55
N GLY E 8 -4.86 4.27 6.14
CA GLY E 8 -4.70 5.62 5.62
C GLY E 8 -5.36 6.69 6.46
N GLY E 9 -6.07 6.33 7.53
CA GLY E 9 -6.74 7.32 8.34
C GLY E 9 -5.82 7.95 9.37
N GLY E 10 -6.17 9.18 9.74
CA GLY E 10 -5.39 9.91 10.71
C GLY E 10 -5.88 11.35 10.81
N LEU E 11 -5.05 12.16 11.46
CA LEU E 11 -5.36 13.57 11.66
C LEU E 11 -5.00 14.36 10.41
N ILE E 12 -5.80 15.38 10.12
CA ILE E 12 -5.57 16.23 8.96
C ILE E 12 -6.27 17.57 9.20
N GLN E 13 -5.57 18.64 8.85
CA GLN E 13 -6.12 19.98 9.04
C GLN E 13 -7.29 20.20 8.09
N PRO E 14 -8.27 21.03 8.49
CA PRO E 14 -9.39 21.32 7.59
C PRO E 14 -8.91 21.92 6.28
N GLY E 15 -9.61 21.59 5.20
CA GLY E 15 -9.18 21.97 3.87
C GLY E 15 -8.08 21.11 3.30
N GLY E 16 -7.46 20.25 4.10
CA GLY E 16 -6.43 19.36 3.63
C GLY E 16 -6.99 18.16 2.88
N SER E 17 -6.10 17.22 2.58
CA SER E 17 -6.46 16.03 1.83
C SER E 17 -5.97 14.78 2.55
N LEU E 18 -6.53 13.64 2.15
CA LEU E 18 -6.18 12.34 2.71
C LEU E 18 -6.78 11.23 1.85
N ARG E 19 -5.97 10.24 1.48
CA ARG E 19 -6.44 9.10 0.70
C ARG E 19 -6.52 7.86 1.57
N LEU E 20 -7.60 7.11 1.44
CA LEU E 20 -7.85 5.89 2.20
C LEU E 20 -7.74 4.69 1.28
N SER E 21 -6.85 3.77 1.61
CA SER E 21 -6.63 2.55 0.84
C SER E 21 -7.36 1.39 1.50
N CYS E 22 -8.02 0.57 0.66
CA CYS E 22 -8.78 -0.58 1.11
C CYS E 22 -8.34 -1.78 0.27
N ALA E 23 -7.47 -2.62 0.83
CA ALA E 23 -6.94 -3.78 0.12
C ALA E 23 -7.85 -4.99 0.31
N ALA E 24 -8.06 -5.74 -0.76
CA ALA E 24 -9.02 -6.82 -0.79
C ALA E 24 -8.32 -8.17 -0.99
N SER E 25 -8.99 -9.22 -0.55
CA SER E 25 -8.52 -10.59 -0.75
C SER E 25 -9.73 -11.52 -0.85
N GLY E 26 -9.72 -12.40 -1.85
CA GLY E 26 -10.78 -13.36 -2.04
C GLY E 26 -11.68 -13.08 -3.23
N PHE E 27 -11.62 -11.87 -3.80
CA PHE E 27 -12.42 -11.53 -4.96
C PHE E 27 -11.75 -10.39 -5.69
N THR E 28 -12.30 -10.05 -6.85
CA THR E 28 -11.76 -8.99 -7.69
C THR E 28 -12.56 -7.71 -7.47
N VAL E 29 -11.84 -6.62 -7.15
CA VAL E 29 -12.51 -5.35 -6.90
C VAL E 29 -13.03 -4.74 -8.20
N SER E 30 -12.23 -4.82 -9.27
CA SER E 30 -12.61 -4.24 -10.55
C SER E 30 -13.83 -4.92 -11.18
N SER E 31 -14.35 -5.98 -10.57
CA SER E 31 -15.49 -6.71 -11.09
C SER E 31 -16.72 -6.63 -10.20
N ASN E 32 -16.63 -5.96 -9.05
CA ASN E 32 -17.69 -5.92 -8.06
C ASN E 32 -18.20 -4.50 -7.85
N TYR E 33 -19.34 -4.40 -7.16
CA TYR E 33 -19.83 -3.13 -6.64
C TYR E 33 -19.17 -2.87 -5.29
N MET E 34 -18.48 -1.75 -5.17
CA MET E 34 -17.78 -1.38 -3.95
C MET E 34 -18.33 -0.06 -3.41
N SER E 35 -18.28 0.09 -2.09
CA SER E 35 -18.87 1.26 -1.44
C SER E 35 -18.03 1.71 -0.26
N TRP E 36 -18.02 3.01 -0.03
CA TRP E 36 -17.48 3.62 1.18
C TRP E 36 -18.65 4.11 2.04
N VAL E 37 -18.59 3.83 3.34
CA VAL E 37 -19.62 4.24 4.28
C VAL E 37 -18.95 4.74 5.55
N ARG E 38 -19.28 5.96 5.96
CA ARG E 38 -18.66 6.57 7.13
C ARG E 38 -19.68 6.69 8.27
N GLN E 39 -19.18 6.60 9.49
CA GLN E 39 -19.99 6.68 10.70
C GLN E 39 -19.37 7.70 11.64
N ALA E 40 -20.02 8.85 11.80
CA ALA E 40 -19.56 9.84 12.75
C ALA E 40 -19.62 9.29 14.17
N PRO E 41 -18.77 9.77 15.08
CA PRO E 41 -18.80 9.26 16.46
C PRO E 41 -20.15 9.50 17.13
N GLY E 42 -20.72 8.41 17.64
CA GLY E 42 -21.99 8.46 18.33
C GLY E 42 -23.22 8.50 17.44
N LYS E 43 -23.05 8.71 16.13
CA LYS E 43 -24.15 8.83 15.20
C LYS E 43 -24.34 7.53 14.41
N GLY E 44 -25.28 7.57 13.46
CA GLY E 44 -25.58 6.43 12.62
C GLY E 44 -24.65 6.31 11.42
N LEU E 45 -25.07 5.50 10.45
CA LEU E 45 -24.29 5.23 9.26
C LEU E 45 -24.69 6.19 8.14
N GLU E 46 -23.71 6.53 7.30
CA GLU E 46 -23.92 7.49 6.22
C GLU E 46 -23.20 7.00 4.97
N TRP E 47 -23.98 6.77 3.91
CA TRP E 47 -23.42 6.32 2.64
C TRP E 47 -22.61 7.43 1.99
N VAL E 48 -21.48 7.06 1.37
CA VAL E 48 -20.55 8.04 0.83
C VAL E 48 -20.43 7.91 -0.68
N SER E 49 -19.95 6.76 -1.17
CA SER E 49 -19.68 6.63 -2.59
C SER E 49 -19.83 5.18 -3.03
N VAL E 50 -19.99 5.01 -4.34
CA VAL E 50 -20.18 3.71 -4.98
C VAL E 50 -19.47 3.71 -6.32
N ILE E 51 -18.78 2.61 -6.63
CA ILE E 51 -18.28 2.36 -7.97
C ILE E 51 -18.90 1.06 -8.46
N TYR E 52 -19.44 1.09 -9.67
CA TYR E 52 -20.07 -0.09 -10.25
C TYR E 52 -18.99 -1.06 -10.74
N SER E 53 -19.44 -2.23 -11.19
CA SER E 53 -18.52 -3.18 -11.83
C SER E 53 -17.95 -2.60 -13.12
N GLY E 54 -18.79 -1.89 -13.88
CA GLY E 54 -18.35 -1.29 -15.13
C GLY E 54 -17.55 -0.02 -14.97
N GLY E 55 -17.62 0.64 -13.82
CA GLY E 55 -16.82 1.82 -13.54
C GLY E 55 -17.58 3.10 -13.26
N SER E 56 -18.90 3.11 -13.39
CA SER E 56 -19.66 4.33 -13.13
C SER E 56 -19.56 4.72 -11.66
N THR E 57 -19.31 6.01 -11.41
CA THR E 57 -19.09 6.52 -10.06
C THR E 57 -20.28 7.36 -9.61
N TYR E 58 -20.68 7.17 -8.36
CA TYR E 58 -21.76 7.92 -7.74
C TYR E 58 -21.34 8.37 -6.36
N TYR E 59 -21.71 9.59 -6.00
CA TYR E 59 -21.29 10.18 -4.74
C TYR E 59 -22.49 10.80 -4.03
N ALA E 60 -22.38 10.93 -2.72
CA ALA E 60 -23.41 11.60 -1.93
C ALA E 60 -23.29 13.12 -2.10
N ASP E 61 -24.39 13.80 -1.81
CA ASP E 61 -24.43 15.26 -2.02
C ASP E 61 -23.45 15.98 -1.10
N SER E 62 -23.17 15.43 0.07
CA SER E 62 -22.35 16.12 1.06
C SER E 62 -20.86 16.05 0.75
N VAL E 63 -20.44 15.19 -0.16
CA VAL E 63 -19.04 15.07 -0.55
C VAL E 63 -18.85 15.20 -2.05
N LYS E 64 -19.91 15.47 -2.81
CA LYS E 64 -19.80 15.57 -4.25
C LYS E 64 -18.89 16.74 -4.62
N GLY E 65 -17.97 16.49 -5.56
CA GLY E 65 -16.98 17.46 -5.94
C GLY E 65 -15.72 17.46 -5.10
N ARG E 66 -15.79 16.95 -3.87
CA ARG E 66 -14.65 16.90 -2.97
C ARG E 66 -14.01 15.51 -2.87
N PHE E 67 -14.82 14.46 -2.79
CA PHE E 67 -14.32 13.10 -2.66
C PHE E 67 -14.28 12.42 -4.02
N THR E 68 -13.34 11.48 -4.16
CA THR E 68 -13.19 10.70 -5.38
C THR E 68 -12.92 9.25 -4.99
N ILE E 69 -13.48 8.32 -5.75
CA ILE E 69 -13.32 6.90 -5.50
C ILE E 69 -12.72 6.26 -6.74
N SER E 70 -11.80 5.33 -6.54
CA SER E 70 -11.13 4.64 -7.65
C SER E 70 -10.66 3.29 -7.16
N ARG E 71 -9.99 2.56 -8.06
CA ARG E 71 -9.50 1.23 -7.75
C ARG E 71 -8.32 0.91 -8.65
N ASP E 72 -7.51 -0.06 -8.21
CA ASP E 72 -6.34 -0.52 -8.94
C ASP E 72 -6.43 -2.02 -9.11
N ASN E 73 -6.56 -2.47 -10.36
CA ASN E 73 -6.73 -3.90 -10.62
C ASN E 73 -5.47 -4.68 -10.29
N SER E 74 -4.29 -4.09 -10.55
CA SER E 74 -3.04 -4.80 -10.31
C SER E 74 -2.82 -5.05 -8.81
N LYS E 75 -3.29 -4.15 -7.96
CA LYS E 75 -3.14 -4.29 -6.51
C LYS E 75 -4.42 -4.79 -5.85
N ASN E 76 -5.54 -4.84 -6.57
CA ASN E 76 -6.85 -5.19 -6.03
C ASN E 76 -7.16 -4.38 -4.78
N THR E 77 -7.19 -3.06 -4.97
CA THR E 77 -7.31 -2.11 -3.88
C THR E 77 -8.32 -1.04 -4.25
N LEU E 78 -9.20 -0.71 -3.31
CA LEU E 78 -10.17 0.36 -3.48
C LEU E 78 -9.67 1.60 -2.76
N TYR E 79 -9.79 2.75 -3.42
CA TYR E 79 -9.28 4.01 -2.89
C TYR E 79 -10.43 5.00 -2.70
N LEU E 80 -10.17 5.99 -1.85
CA LEU E 80 -11.10 7.10 -1.61
C LEU E 80 -10.28 8.36 -1.41
N GLN E 81 -10.15 9.15 -2.47
CA GLN E 81 -9.42 10.41 -2.39
C GLN E 81 -10.33 11.47 -1.81
N MET E 82 -9.90 12.11 -0.72
CA MET E 82 -10.69 13.11 -0.02
C MET E 82 -9.96 14.45 -0.09
N ASN E 83 -10.63 15.47 -0.62
CA ASN E 83 -10.07 16.79 -0.78
C ASN E 83 -10.99 17.81 -0.14
N SER E 84 -10.41 18.97 0.20
CA SER E 84 -11.13 20.04 0.89
C SER E 84 -11.85 19.52 2.13
N LEU E 85 -11.10 18.78 2.94
CA LEU E 85 -11.68 18.12 4.11
C LEU E 85 -12.21 19.15 5.10
N ARG E 86 -13.36 18.83 5.69
CA ARG E 86 -14.03 19.69 6.66
C ARG E 86 -14.13 18.96 7.99
N ALA E 87 -14.44 19.73 9.04
CA ALA E 87 -14.55 19.15 10.38
C ALA E 87 -15.65 18.09 10.45
N GLU E 88 -16.72 18.26 9.68
CA GLU E 88 -17.81 17.30 9.68
C GLU E 88 -17.50 16.04 8.87
N ASP E 89 -16.30 15.92 8.31
CA ASP E 89 -15.88 14.70 7.64
C ASP E 89 -15.23 13.72 8.60
N THR E 90 -15.10 14.07 9.87
CA THR E 90 -14.47 13.21 10.87
C THR E 90 -15.37 12.03 11.19
N ALA E 91 -14.90 10.83 10.88
CA ALA E 91 -15.69 9.62 11.11
C ALA E 91 -14.77 8.41 10.91
N VAL E 92 -15.31 7.24 11.20
CA VAL E 92 -14.70 5.97 10.82
C VAL E 92 -15.17 5.66 9.40
N TYR E 93 -14.25 5.25 8.55
CA TYR E 93 -14.55 5.06 7.13
C TYR E 93 -14.45 3.58 6.78
N TYR E 94 -15.60 2.92 6.74
CA TYR E 94 -15.68 1.52 6.35
C TYR E 94 -15.77 1.41 4.83
N CYS E 95 -14.96 0.53 4.26
CA CYS E 95 -15.13 0.10 2.87
C CYS E 95 -15.84 -1.24 2.87
N ALA E 96 -16.77 -1.40 1.94
CA ALA E 96 -17.60 -2.61 1.92
C ALA E 96 -17.83 -3.06 0.49
N ARG E 97 -17.72 -4.36 0.28
CA ARG E 97 -18.20 -4.98 -0.95
C ARG E 97 -19.72 -5.02 -0.90
N ASP E 98 -20.36 -4.18 -1.71
CA ASP E 98 -21.80 -4.02 -1.64
C ASP E 98 -22.52 -5.34 -1.83
N HIS E 99 -23.57 -5.55 -1.04
CA HIS E 99 -24.44 -6.70 -1.22
C HIS E 99 -25.16 -6.59 -2.55
N VAL E 100 -25.10 -7.65 -3.35
CA VAL E 100 -25.82 -7.69 -4.62
C VAL E 100 -26.58 -9.01 -4.69
N ARG E 101 -26.06 -10.02 -4.00
CA ARG E 101 -26.58 -11.37 -4.12
C ARG E 101 -26.17 -12.15 -2.87
N PRO E 102 -26.90 -13.26 -2.54
CA PRO E 102 -26.71 -13.99 -1.27
C PRO E 102 -25.64 -13.52 -0.30
N GLY E 103 -24.44 -14.10 -0.36
CA GLY E 103 -23.47 -13.89 0.70
C GLY E 103 -22.17 -13.26 0.29
N MET E 104 -22.24 -12.15 -0.45
CA MET E 104 -21.04 -11.42 -0.86
C MET E 104 -20.86 -10.10 -0.12
N ASN E 105 -21.76 -9.75 0.80
CA ASN E 105 -21.65 -8.50 1.52
C ASN E 105 -20.62 -8.63 2.64
N ILE E 106 -19.54 -7.88 2.54
CA ILE E 106 -18.46 -7.91 3.51
C ILE E 106 -17.95 -6.49 3.71
N TRP E 107 -17.77 -6.11 4.97
CA TRP E 107 -17.33 -4.77 5.35
C TRP E 107 -15.91 -4.82 5.89
N GLY E 108 -15.18 -3.72 5.69
CA GLY E 108 -13.90 -3.53 6.32
C GLY E 108 -14.02 -3.31 7.82
N GLN E 109 -12.99 -2.76 8.44
CA GLN E 109 -13.04 -2.42 9.85
C GLN E 109 -12.95 -0.92 10.08
N GLY E 110 -12.84 -0.12 9.02
CA GLY E 110 -12.83 1.31 9.15
C GLY E 110 -11.52 1.85 9.64
N THR E 111 -11.22 3.09 9.25
CA THR E 111 -10.06 3.81 9.75
C THR E 111 -10.55 5.17 10.23
N MET E 112 -9.91 5.69 11.27
CA MET E 112 -10.38 6.90 11.92
C MET E 112 -9.75 8.11 11.23
N VAL E 113 -10.56 8.87 10.50
CA VAL E 113 -10.14 10.14 9.90
C VAL E 113 -10.60 11.25 10.84
N THR E 114 -9.65 12.03 11.35
CA THR E 114 -9.91 13.08 12.32
C THR E 114 -9.49 14.42 11.71
N VAL E 115 -10.46 15.19 11.25
CA VAL E 115 -10.17 16.50 10.65
C VAL E 115 -10.16 17.53 11.76
N SER E 116 -8.96 17.98 12.15
CA SER E 116 -8.79 18.98 13.19
C SER E 116 -7.46 19.70 12.96
N SER E 117 -7.26 20.77 13.72
CA SER E 117 -6.07 21.60 13.60
C SER E 117 -5.08 21.41 14.74
N ALA E 118 -5.43 20.66 15.78
CA ALA E 118 -4.51 20.43 16.88
C ALA E 118 -3.39 19.48 16.46
N SER E 119 -2.31 19.48 17.23
CA SER E 119 -1.17 18.63 16.92
C SER E 119 -1.40 17.21 17.45
N THR E 120 -0.50 16.32 17.06
CA THR E 120 -0.54 14.92 17.47
C THR E 120 0.39 14.72 18.65
N LYS E 121 -0.10 14.03 19.68
CA LYS E 121 0.69 13.73 20.87
C LYS E 121 0.53 12.26 21.24
N GLY E 122 1.65 11.56 21.39
CA GLY E 122 1.62 10.19 21.85
C GLY E 122 1.26 10.12 23.32
N PRO E 123 0.55 9.07 23.71
CA PRO E 123 0.08 8.96 25.09
C PRO E 123 1.19 8.57 26.06
N SER E 124 0.96 8.90 27.32
CA SER E 124 1.80 8.44 28.42
C SER E 124 1.07 7.31 29.14
N VAL E 125 1.78 6.20 29.37
CA VAL E 125 1.18 5.00 29.96
C VAL E 125 1.72 4.83 31.37
N PHE E 126 0.82 4.83 32.35
CA PHE E 126 1.16 4.65 33.75
C PHE E 126 0.48 3.39 34.29
N PRO E 127 1.14 2.68 35.20
CA PRO E 127 0.57 1.44 35.72
C PRO E 127 -0.44 1.67 36.82
N LEU E 128 -1.42 0.78 36.88
CA LEU E 128 -2.43 0.74 37.95
C LEU E 128 -2.17 -0.55 38.73
N ALA E 129 -1.41 -0.42 39.82
CA ALA E 129 -0.91 -1.57 40.55
C ALA E 129 -2.00 -2.19 41.42
N PRO E 130 -2.03 -3.51 41.55
CA PRO E 130 -3.03 -4.15 42.39
C PRO E 130 -2.77 -3.90 43.87
N SER E 131 -3.86 -3.91 44.64
CA SER E 131 -3.77 -3.71 46.08
C SER E 131 -3.07 -4.90 46.73
N THR E 135 -6.57 -5.09 49.27
CA THR E 135 -5.85 -6.36 49.26
C THR E 135 -6.78 -7.53 49.56
N SER E 136 -8.00 -7.47 49.02
CA SER E 136 -8.99 -8.50 49.32
C SER E 136 -8.55 -9.86 48.79
N GLY E 137 -8.72 -10.88 49.63
CA GLY E 137 -8.19 -12.23 49.44
C GLY E 137 -8.20 -12.87 48.07
N GLY E 138 -9.39 -13.09 47.50
CA GLY E 138 -9.52 -13.97 46.36
C GLY E 138 -9.17 -13.41 44.99
N THR E 139 -9.76 -12.28 44.64
CA THR E 139 -9.61 -11.70 43.31
C THR E 139 -9.02 -10.30 43.43
N ALA E 140 -8.15 -9.95 42.47
CA ALA E 140 -7.47 -8.66 42.46
C ALA E 140 -7.69 -7.97 41.12
N ALA E 141 -7.38 -6.67 41.09
CA ALA E 141 -7.56 -5.86 39.90
C ALA E 141 -6.30 -5.03 39.63
N LEU E 142 -5.98 -4.85 38.36
CA LEU E 142 -4.83 -4.05 37.93
C LEU E 142 -5.09 -3.58 36.51
N GLY E 143 -4.38 -2.54 36.10
CA GLY E 143 -4.61 -2.02 34.77
C GLY E 143 -3.57 -1.01 34.33
N CYS E 144 -3.89 -0.30 33.25
CA CYS E 144 -3.02 0.67 32.63
C CYS E 144 -3.81 1.95 32.35
N LEU E 145 -3.19 3.09 32.62
CA LEU E 145 -3.76 4.39 32.31
C LEU E 145 -3.12 4.94 31.04
N VAL E 146 -3.94 5.25 30.04
CA VAL E 146 -3.48 5.81 28.78
C VAL E 146 -3.96 7.27 28.75
N LYS E 147 -3.07 8.18 29.13
CA LYS E 147 -3.45 9.57 29.39
C LYS E 147 -2.78 10.50 28.40
N ASP E 148 -3.53 11.54 27.99
CA ASP E 148 -3.01 12.63 27.16
C ASP E 148 -2.51 12.18 25.81
N TYR E 149 -3.42 11.95 24.87
CA TYR E 149 -3.05 11.66 23.48
C TYR E 149 -4.10 12.27 22.55
N PHE E 150 -3.75 12.34 21.27
CA PHE E 150 -4.60 12.89 20.23
C PHE E 150 -3.99 12.58 18.87
N PRO E 151 -4.80 12.17 17.88
CA PRO E 151 -6.24 11.95 17.98
C PRO E 151 -6.63 10.52 18.34
N GLU E 152 -7.93 10.21 18.22
CA GLU E 152 -8.40 8.85 18.39
C GLU E 152 -8.00 7.99 17.18
N PRO E 153 -7.88 6.67 17.37
CA PRO E 153 -7.98 5.95 18.64
C PRO E 153 -6.66 5.31 19.07
N VAL E 154 -6.70 4.58 20.19
CA VAL E 154 -5.59 3.76 20.64
C VAL E 154 -6.09 2.34 20.86
N THR E 155 -5.19 1.38 20.74
CA THR E 155 -5.50 -0.02 20.95
C THR E 155 -4.66 -0.57 22.08
N VAL E 156 -5.28 -1.34 22.97
CA VAL E 156 -4.62 -1.88 24.15
C VAL E 156 -4.95 -3.37 24.24
N SER E 157 -3.90 -4.19 24.36
CA SER E 157 -4.05 -5.62 24.64
C SER E 157 -3.21 -5.93 25.88
N TRP E 158 -3.14 -7.21 26.25
CA TRP E 158 -2.39 -7.61 27.43
C TRP E 158 -1.58 -8.85 27.13
N ASN E 159 -0.30 -8.82 27.53
CA ASN E 159 0.62 -9.94 27.34
C ASN E 159 0.73 -10.32 25.86
N SER E 160 0.72 -9.31 24.99
CA SER E 160 0.75 -9.49 23.55
C SER E 160 -0.42 -10.36 23.06
N GLY E 161 -1.62 -9.99 23.50
CA GLY E 161 -2.82 -10.71 23.13
C GLY E 161 -3.05 -12.01 23.83
N ALA E 162 -2.17 -12.41 24.76
CA ALA E 162 -2.32 -13.66 25.48
C ALA E 162 -3.33 -13.59 26.62
N LEU E 163 -3.99 -12.44 26.81
CA LEU E 163 -4.96 -12.27 27.89
C LEU E 163 -6.20 -11.61 27.31
N THR E 164 -7.33 -12.29 27.39
CA THR E 164 -8.59 -11.79 26.84
C THR E 164 -9.74 -11.84 27.84
N SER E 165 -9.80 -12.89 28.67
CA SER E 165 -10.91 -13.04 29.59
C SER E 165 -10.77 -12.08 30.77
N GLY E 166 -11.89 -11.46 31.15
CA GLY E 166 -11.91 -10.54 32.27
C GLY E 166 -11.32 -9.18 32.02
N VAL E 167 -11.08 -8.82 30.77
CA VAL E 167 -10.48 -7.53 30.41
C VAL E 167 -11.60 -6.55 30.06
N HIS E 168 -11.48 -5.32 30.56
CA HIS E 168 -12.39 -4.22 30.23
C HIS E 168 -11.56 -3.00 29.87
N THR E 169 -11.66 -2.56 28.62
CA THR E 169 -11.00 -1.35 28.14
C THR E 169 -12.06 -0.29 27.95
N PHE E 170 -12.01 0.76 28.76
CA PHE E 170 -13.04 1.79 28.80
C PHE E 170 -12.91 2.74 27.62
N PRO E 171 -14.03 3.30 27.16
CA PRO E 171 -13.96 4.34 26.13
C PRO E 171 -13.19 5.55 26.63
N ALA E 172 -12.48 6.20 25.72
CA ALA E 172 -11.65 7.34 26.09
C ALA E 172 -12.51 8.54 26.44
N VAL E 173 -12.05 9.33 27.39
CA VAL E 173 -12.71 10.57 27.78
C VAL E 173 -11.93 11.73 27.19
N LEU E 174 -12.64 12.80 26.84
CA LEU E 174 -12.03 14.01 26.31
C LEU E 174 -11.84 14.98 27.46
N GLN E 175 -10.59 15.12 27.91
CA GLN E 175 -10.29 16.01 29.02
C GLN E 175 -10.43 17.46 28.58
N SER E 176 -10.49 18.37 29.56
CA SER E 176 -10.60 19.79 29.27
C SER E 176 -9.41 20.31 28.48
N SER E 177 -8.28 19.59 28.48
CA SER E 177 -7.09 20.00 27.74
C SER E 177 -7.21 19.73 26.24
N GLY E 178 -8.25 19.04 25.79
CA GLY E 178 -8.36 18.63 24.41
C GLY E 178 -7.70 17.31 24.08
N LEU E 179 -7.00 16.71 25.03
CA LEU E 179 -6.38 15.41 24.86
C LEU E 179 -7.24 14.33 25.49
N TYR E 180 -7.07 13.10 25.00
CA TYR E 180 -7.87 11.98 25.45
C TYR E 180 -7.19 11.22 26.59
N SER E 181 -8.01 10.72 27.51
CA SER E 181 -7.56 9.90 28.63
C SER E 181 -8.36 8.61 28.64
N LEU E 182 -7.67 7.50 28.93
CA LEU E 182 -8.29 6.18 28.82
C LEU E 182 -7.61 5.24 29.81
N SER E 183 -8.35 4.20 30.22
CA SER E 183 -7.87 3.21 31.16
C SER E 183 -8.37 1.83 30.75
N SER E 184 -7.52 0.82 30.93
CA SER E 184 -7.87 -0.56 30.59
C SER E 184 -7.40 -1.47 31.72
N VAL E 185 -8.32 -2.31 32.22
CA VAL E 185 -8.09 -3.09 33.42
C VAL E 185 -8.41 -4.57 33.15
N VAL E 186 -8.07 -5.41 34.12
CA VAL E 186 -8.35 -6.84 34.05
C VAL E 186 -8.35 -7.39 35.48
N THR E 187 -9.27 -8.32 35.74
CA THR E 187 -9.35 -8.99 37.04
C THR E 187 -8.66 -10.35 36.96
N VAL E 188 -7.68 -10.56 37.84
CA VAL E 188 -6.95 -11.81 37.92
C VAL E 188 -7.00 -12.31 39.36
N PRO E 189 -6.79 -13.61 39.57
CA PRO E 189 -6.73 -14.12 40.95
C PRO E 189 -5.52 -13.56 41.68
N SER E 190 -5.71 -13.29 42.97
CA SER E 190 -4.65 -12.70 43.79
C SER E 190 -3.46 -13.62 43.95
N SER E 191 -3.58 -14.90 43.59
CA SER E 191 -2.48 -15.84 43.75
C SER E 191 -1.39 -15.61 42.70
N SER E 192 -1.79 -15.34 41.46
CA SER E 192 -0.85 -15.20 40.35
C SER E 192 -0.10 -13.88 40.35
N LEU E 193 -0.22 -13.06 41.40
CA LEU E 193 0.44 -11.76 41.39
C LEU E 193 1.96 -11.90 41.51
N GLY E 194 2.43 -12.86 42.30
CA GLY E 194 3.85 -13.02 42.54
C GLY E 194 4.62 -13.82 41.52
N THR E 195 3.93 -14.54 40.63
CA THR E 195 4.58 -15.43 39.68
C THR E 195 4.29 -15.10 38.23
N GLN E 196 3.17 -14.43 37.93
CA GLN E 196 2.79 -14.10 36.56
C GLN E 196 3.00 -12.61 36.29
N THR E 197 3.64 -12.32 35.15
CA THR E 197 3.89 -10.95 34.73
C THR E 197 2.79 -10.45 33.80
N TYR E 198 2.40 -9.20 33.96
CA TYR E 198 1.32 -8.60 33.21
C TYR E 198 1.82 -7.33 32.51
N ILE E 199 1.67 -7.27 31.19
CA ILE E 199 2.12 -6.14 30.39
C ILE E 199 0.99 -5.74 29.44
N CYS E 200 0.62 -4.46 29.47
CA CYS E 200 -0.36 -3.95 28.52
C CYS E 200 0.36 -3.37 27.30
N ASN E 201 -0.15 -3.68 26.11
CA ASN E 201 0.48 -3.30 24.85
C ASN E 201 -0.38 -2.21 24.22
N VAL E 202 0.08 -0.97 24.32
CA VAL E 202 -0.66 0.19 23.81
C VAL E 202 -0.04 0.60 22.48
N ASN E 203 -0.91 0.97 21.54
CA ASN E 203 -0.47 1.36 20.20
C ASN E 203 -1.25 2.59 19.77
N HIS E 204 -0.53 3.61 19.30
CA HIS E 204 -1.13 4.86 18.83
C HIS E 204 -0.59 5.16 17.44
N LYS E 205 -1.38 4.82 16.42
CA LYS E 205 -0.90 4.92 15.05
C LYS E 205 -0.57 6.35 14.60
N PRO E 206 -1.36 7.39 14.91
CA PRO E 206 -1.02 8.73 14.41
C PRO E 206 0.32 9.25 14.89
N SER E 207 0.76 8.89 16.10
CA SER E 207 2.06 9.31 16.61
C SER E 207 3.12 8.24 16.42
N ASN E 208 2.76 7.09 15.83
CA ASN E 208 3.68 5.97 15.65
C ASN E 208 4.31 5.56 16.97
N THR E 209 3.51 5.58 18.04
CA THR E 209 3.95 5.25 19.38
C THR E 209 3.41 3.87 19.76
N LYS E 210 4.32 2.98 20.16
CA LYS E 210 3.97 1.64 20.62
C LYS E 210 4.71 1.40 21.92
N VAL E 211 3.98 1.30 23.02
CA VAL E 211 4.55 1.23 24.35
C VAL E 211 4.10 -0.06 25.02
N ASP E 212 5.00 -0.69 25.75
CA ASP E 212 4.68 -1.81 26.64
C ASP E 212 5.09 -1.39 28.05
N LYS E 213 4.17 -1.54 28.99
CA LYS E 213 4.41 -1.15 30.37
C LYS E 213 4.14 -2.34 31.28
N LYS E 214 5.14 -2.73 32.05
CA LYS E 214 5.02 -3.82 33.01
C LYS E 214 4.25 -3.35 34.24
N VAL E 215 3.25 -4.13 34.65
CA VAL E 215 2.43 -3.82 35.81
C VAL E 215 2.75 -4.81 36.92
N GLU E 216 3.18 -4.30 38.07
CA GLU E 216 3.60 -5.09 39.21
C GLU E 216 3.07 -4.43 40.47
N PRO E 217 3.02 -5.15 41.59
CA PRO E 217 2.46 -4.55 42.81
C PRO E 217 3.31 -3.40 43.33
N LYS E 218 2.72 -2.61 44.22
CA LYS E 218 3.41 -1.49 44.82
C LYS E 218 3.96 -1.87 46.18
N SER E 219 5.12 -1.27 46.48
CA SER E 219 5.83 -1.46 47.73
C SER E 219 6.81 -0.33 47.87
N CYS E 220 7.15 0.01 49.11
CA CYS E 220 7.99 1.18 49.35
C CYS E 220 9.45 0.83 49.15
N ALA F 1 -34.41 12.58 -2.07
CA ALA F 1 -33.77 11.43 -1.45
C ALA F 1 -34.70 10.72 -0.48
N ILE F 2 -34.62 9.39 -0.44
CA ILE F 2 -35.48 8.61 0.45
C ILE F 2 -35.05 8.85 1.90
N ARG F 3 -36.00 8.72 2.82
CA ARG F 3 -35.72 8.92 4.24
C ARG F 3 -36.32 7.76 5.03
N MET F 4 -35.44 6.96 5.64
CA MET F 4 -35.85 5.82 6.45
C MET F 4 -36.02 6.26 7.90
N THR F 5 -37.16 5.90 8.49
CA THR F 5 -37.44 6.16 9.89
C THR F 5 -37.51 4.84 10.65
N GLN F 6 -36.80 4.77 11.78
CA GLN F 6 -36.62 3.51 12.51
C GLN F 6 -37.08 3.69 13.95
N SER F 7 -38.03 2.85 14.36
CA SER F 7 -38.55 2.86 15.72
C SER F 7 -38.42 1.47 16.35
N PRO F 8 -38.08 1.41 17.65
CA PRO F 8 -37.76 2.56 18.51
C PRO F 8 -36.29 2.94 18.44
N SER F 9 -35.93 4.10 19.00
CA SER F 9 -34.53 4.50 19.02
C SER F 9 -33.72 3.61 19.96
N SER F 10 -34.24 3.31 21.13
CA SER F 10 -33.59 2.43 22.09
C SER F 10 -34.55 1.34 22.52
N LEU F 11 -34.01 0.31 23.17
CA LEU F 11 -34.83 -0.84 23.52
C LEU F 11 -34.08 -1.71 24.53
N SER F 12 -34.80 -2.19 25.54
CA SER F 12 -34.28 -3.14 26.51
C SER F 12 -35.32 -4.22 26.76
N ALA F 13 -34.89 -5.48 26.70
CA ALA F 13 -35.80 -6.60 26.88
C ALA F 13 -35.06 -7.74 27.57
N SER F 14 -35.84 -8.65 28.17
CA SER F 14 -35.26 -9.77 28.88
C SER F 14 -34.73 -10.82 27.89
N VAL F 15 -33.88 -11.70 28.40
CA VAL F 15 -33.36 -12.80 27.60
C VAL F 15 -34.50 -13.74 27.26
N GLY F 16 -34.72 -13.99 25.97
CA GLY F 16 -35.77 -14.85 25.51
C GLY F 16 -37.04 -14.14 25.08
N ASP F 17 -37.17 -12.85 25.37
CA ASP F 17 -38.35 -12.10 24.95
C ASP F 17 -38.30 -11.84 23.45
N ARG F 18 -39.48 -11.74 22.83
CA ARG F 18 -39.56 -11.36 21.44
C ARG F 18 -39.27 -9.87 21.28
N VAL F 19 -38.33 -9.54 20.40
CA VAL F 19 -37.91 -8.16 20.16
C VAL F 19 -38.24 -7.82 18.72
N THR F 20 -38.96 -6.72 18.51
CA THR F 20 -39.38 -6.31 17.18
C THR F 20 -39.19 -4.81 17.02
N ILE F 21 -38.50 -4.42 15.94
CA ILE F 21 -38.35 -3.02 15.56
C ILE F 21 -38.88 -2.84 14.15
N THR F 22 -39.27 -1.60 13.84
CA THR F 22 -39.87 -1.26 12.56
C THR F 22 -39.00 -0.23 11.83
N CYS F 23 -39.23 -0.12 10.53
CA CYS F 23 -38.49 0.82 9.69
C CYS F 23 -39.43 1.25 8.58
N GLN F 24 -39.95 2.47 8.67
CA GLN F 24 -40.87 2.99 7.66
C GLN F 24 -40.11 3.80 6.63
N ALA F 25 -40.38 3.54 5.36
CA ALA F 25 -39.73 4.25 4.26
C ALA F 25 -40.56 5.47 3.86
N SER F 26 -39.85 6.51 3.39
CA SER F 26 -40.54 7.70 2.92
C SER F 26 -41.18 7.47 1.55
N GLN F 27 -40.57 6.65 0.72
CA GLN F 27 -41.15 6.24 -0.55
C GLN F 27 -41.25 4.72 -0.61
N ASP F 28 -41.88 4.24 -1.68
CA ASP F 28 -41.90 2.80 -1.94
C ASP F 28 -40.50 2.34 -2.32
N ILE F 29 -40.00 1.32 -1.62
CA ILE F 29 -38.70 0.74 -1.94
C ILE F 29 -38.83 -0.75 -2.26
N SER F 30 -40.03 -1.19 -2.69
CA SER F 30 -40.31 -2.58 -3.04
C SER F 30 -39.96 -3.45 -1.83
N ASN F 31 -39.01 -4.37 -1.95
CA ASN F 31 -38.49 -5.12 -0.80
C ASN F 31 -36.97 -4.98 -0.68
N TYR F 32 -36.40 -3.94 -1.31
CA TYR F 32 -34.96 -3.71 -1.29
C TYR F 32 -34.57 -2.97 -0.01
N LEU F 33 -34.66 -3.69 1.10
CA LEU F 33 -34.28 -3.17 2.40
C LEU F 33 -33.46 -4.21 3.14
N ASN F 34 -32.29 -3.80 3.61
CA ASN F 34 -31.39 -4.69 4.35
C ASN F 34 -31.30 -4.27 5.81
N TRP F 35 -30.82 -5.20 6.64
CA TRP F 35 -30.69 -5.00 8.07
C TRP F 35 -29.27 -5.35 8.49
N TYR F 36 -28.67 -4.49 9.31
CA TYR F 36 -27.31 -4.68 9.79
C TYR F 36 -27.26 -4.73 11.31
N GLN F 37 -26.32 -5.52 11.83
CA GLN F 37 -26.04 -5.59 13.26
C GLN F 37 -24.61 -5.13 13.49
N GLN F 38 -24.45 -4.06 14.28
CA GLN F 38 -23.13 -3.51 14.59
C GLN F 38 -22.89 -3.64 16.08
N LYS F 39 -22.11 -4.64 16.49
CA LYS F 39 -21.67 -4.75 17.86
C LYS F 39 -20.73 -3.60 18.19
N PRO F 40 -20.58 -3.26 19.48
CA PRO F 40 -19.77 -2.08 19.84
C PRO F 40 -18.36 -2.15 19.28
N GLY F 41 -17.97 -1.09 18.57
CA GLY F 41 -16.62 -0.95 18.07
C GLY F 41 -16.36 -1.65 16.75
N LYS F 42 -17.09 -2.75 16.50
CA LYS F 42 -16.88 -3.54 15.30
C LYS F 42 -17.66 -2.95 14.13
N ALA F 43 -17.44 -3.53 12.95
CA ALA F 43 -18.11 -3.08 11.75
C ALA F 43 -19.55 -3.63 11.69
N PRO F 44 -20.42 -2.99 10.90
CA PRO F 44 -21.76 -3.56 10.70
C PRO F 44 -21.68 -4.94 10.07
N LYS F 45 -22.65 -5.78 10.43
CA LYS F 45 -22.72 -7.17 9.97
C LYS F 45 -24.09 -7.41 9.38
N LEU F 46 -24.13 -7.80 8.11
CA LEU F 46 -25.40 -7.98 7.41
C LEU F 46 -26.12 -9.22 7.95
N LEU F 47 -27.35 -9.04 8.40
CA LEU F 47 -28.17 -10.15 8.88
C LEU F 47 -29.32 -10.46 7.92
N ILE F 48 -30.16 -9.47 7.62
CA ILE F 48 -31.31 -9.65 6.74
C ILE F 48 -31.10 -8.82 5.48
N TYR F 49 -31.28 -9.46 4.32
CA TYR F 49 -31.24 -8.79 3.04
C TYR F 49 -32.54 -9.03 2.29
N ASP F 50 -32.94 -8.07 1.48
CA ASP F 50 -34.19 -8.12 0.73
C ASP F 50 -35.39 -8.34 1.66
N ALA F 51 -35.45 -7.52 2.71
CA ALA F 51 -36.60 -7.43 3.60
C ALA F 51 -36.81 -8.68 4.45
N SER F 52 -36.77 -9.86 3.83
CA SER F 52 -37.18 -11.09 4.51
C SER F 52 -36.17 -12.23 4.44
N ASN F 53 -35.10 -12.10 3.67
CA ASN F 53 -34.18 -13.21 3.46
C ASN F 53 -33.03 -13.15 4.48
N LEU F 54 -32.75 -14.29 5.11
CA LEU F 54 -31.72 -14.40 6.12
C LEU F 54 -30.37 -14.70 5.47
N GLU F 55 -29.36 -13.90 5.80
CA GLU F 55 -28.02 -14.16 5.31
C GLU F 55 -27.49 -15.47 5.87
N THR F 56 -26.71 -16.19 5.06
CA THR F 56 -26.19 -17.49 5.46
C THR F 56 -25.33 -17.36 6.71
N GLY F 57 -25.69 -18.15 7.73
CA GLY F 57 -24.96 -18.18 8.98
C GLY F 57 -25.64 -17.47 10.13
N VAL F 58 -26.64 -16.63 9.84
CA VAL F 58 -27.36 -15.93 10.92
C VAL F 58 -28.24 -16.94 11.66
N PRO F 59 -28.29 -16.87 13.00
CA PRO F 59 -29.17 -17.79 13.73
C PRO F 59 -30.63 -17.61 13.31
N SER F 60 -31.41 -18.67 13.49
CA SER F 60 -32.80 -18.66 13.06
C SER F 60 -33.65 -17.67 13.85
N ARG F 61 -33.18 -17.22 15.01
CA ARG F 61 -33.97 -16.32 15.84
C ARG F 61 -34.15 -14.93 15.22
N PHE F 62 -33.48 -14.63 14.12
CA PHE F 62 -33.58 -13.33 13.47
C PHE F 62 -34.53 -13.43 12.28
N SER F 63 -35.48 -12.49 12.20
CA SER F 63 -36.54 -12.53 11.22
C SER F 63 -36.69 -11.16 10.56
N GLY F 64 -37.35 -11.16 9.41
CA GLY F 64 -37.62 -9.94 8.68
C GLY F 64 -38.81 -10.10 7.74
N SER F 65 -39.66 -9.08 7.66
CA SER F 65 -40.81 -9.10 6.77
C SER F 65 -41.16 -7.66 6.40
N GLY F 66 -41.99 -7.54 5.36
CA GLY F 66 -42.48 -6.25 4.92
C GLY F 66 -42.19 -5.97 3.46
N SER F 67 -43.04 -5.15 2.85
CA SER F 67 -42.86 -4.75 1.47
C SER F 67 -43.54 -3.40 1.26
N GLY F 68 -43.09 -2.69 0.23
CA GLY F 68 -43.59 -1.37 -0.05
C GLY F 68 -42.91 -0.28 0.76
N THR F 69 -43.47 0.07 1.92
CA THR F 69 -42.94 1.14 2.73
C THR F 69 -42.78 0.81 4.21
N ASP F 70 -43.43 -0.24 4.71
CA ASP F 70 -43.37 -0.61 6.13
C ASP F 70 -42.73 -1.97 6.27
N PHE F 71 -41.66 -2.03 7.07
CA PHE F 71 -40.89 -3.25 7.27
C PHE F 71 -40.70 -3.49 8.76
N THR F 72 -40.40 -4.74 9.10
CA THR F 72 -40.20 -5.14 10.49
C THR F 72 -38.99 -6.05 10.62
N PHE F 73 -38.36 -6.01 11.79
CA PHE F 73 -37.22 -6.87 12.12
C PHE F 73 -37.48 -7.47 13.49
N THR F 74 -37.52 -8.79 13.57
CA THR F 74 -37.93 -9.51 14.77
C THR F 74 -36.84 -10.46 15.25
N ILE F 75 -36.56 -10.42 16.55
CA ILE F 75 -35.73 -11.42 17.22
C ILE F 75 -36.65 -12.36 17.97
N SER F 76 -36.60 -13.65 17.63
CA SER F 76 -37.47 -14.65 18.23
C SER F 76 -37.31 -14.70 19.74
N SER F 77 -36.14 -15.13 20.22
CA SER F 77 -35.81 -15.10 21.63
C SER F 77 -34.49 -14.37 21.80
N LEU F 78 -34.52 -13.24 22.50
CA LEU F 78 -33.34 -12.39 22.63
C LEU F 78 -32.24 -13.10 23.42
N GLN F 79 -31.00 -13.00 22.91
CA GLN F 79 -29.82 -13.60 23.50
C GLN F 79 -28.84 -12.54 23.99
N PRO F 80 -28.03 -12.85 24.99
CA PRO F 80 -27.11 -11.83 25.54
C PRO F 80 -26.15 -11.26 24.51
N GLU F 81 -25.62 -12.10 23.61
CA GLU F 81 -24.69 -11.58 22.61
C GLU F 81 -25.39 -10.80 21.51
N ASP F 82 -26.72 -10.67 21.55
CA ASP F 82 -27.44 -9.86 20.57
C ASP F 82 -27.35 -8.36 20.87
N ILE F 83 -26.66 -7.95 21.93
CA ILE F 83 -26.57 -6.53 22.24
C ILE F 83 -25.78 -5.84 21.13
N ALA F 84 -26.40 -4.85 20.50
CA ALA F 84 -25.80 -4.10 19.40
C ALA F 84 -26.73 -2.99 18.94
N THR F 85 -26.29 -2.22 17.94
CA THR F 85 -27.12 -1.25 17.27
C THR F 85 -27.49 -1.79 15.90
N TYR F 86 -28.79 -1.81 15.60
CA TYR F 86 -29.31 -2.40 14.37
C TYR F 86 -29.81 -1.29 13.46
N TYR F 87 -29.41 -1.31 12.19
CA TYR F 87 -29.79 -0.29 11.23
C TYR F 87 -30.53 -0.93 10.06
N CYS F 88 -31.39 -0.14 9.42
CA CYS F 88 -32.02 -0.51 8.16
C CYS F 88 -31.50 0.40 7.04
N GLN F 89 -31.34 -0.18 5.85
CA GLN F 89 -30.91 0.59 4.69
C GLN F 89 -31.68 0.14 3.46
N GLN F 90 -32.00 1.10 2.60
CA GLN F 90 -32.45 0.83 1.25
C GLN F 90 -31.29 1.11 0.29
N TYR F 91 -31.22 0.34 -0.78
CA TYR F 91 -30.09 0.43 -1.70
C TYR F 91 -30.48 0.46 -3.18
N ASP F 92 -31.71 0.11 -3.54
CA ASP F 92 -32.09 0.09 -4.94
C ASP F 92 -32.05 1.48 -5.54
N ASN F 93 -32.64 2.46 -4.85
CA ASN F 93 -32.68 3.84 -5.32
C ASN F 93 -31.58 4.64 -4.64
N LEU F 94 -30.86 5.43 -5.43
CA LEU F 94 -29.76 6.30 -5.01
C LEU F 94 -30.28 7.67 -4.60
N PRO F 95 -29.69 8.29 -3.57
CA PRO F 95 -28.57 7.75 -2.80
C PRO F 95 -28.97 6.66 -1.82
N VAL F 96 -28.01 5.87 -1.35
CA VAL F 96 -28.29 4.87 -0.33
C VAL F 96 -28.50 5.59 0.99
N THR F 97 -29.58 5.23 1.69
CA THR F 97 -29.97 5.89 2.93
C THR F 97 -30.12 4.85 4.04
N PHE F 98 -29.81 5.26 5.26
CA PHE F 98 -29.90 4.40 6.42
C PHE F 98 -31.03 4.84 7.35
N GLY F 99 -31.34 3.96 8.31
CA GLY F 99 -32.28 4.29 9.35
C GLY F 99 -31.60 4.96 10.55
N GLY F 100 -32.44 5.40 11.50
CA GLY F 100 -31.92 6.08 12.66
C GLY F 100 -31.14 5.19 13.60
N GLY F 101 -31.42 3.89 13.60
CA GLY F 101 -30.71 2.98 14.47
C GLY F 101 -31.53 2.61 15.69
N THR F 102 -31.26 1.42 16.22
CA THR F 102 -31.94 0.93 17.42
C THR F 102 -30.91 0.26 18.33
N LYS F 103 -30.66 0.86 19.49
CA LYS F 103 -29.77 0.27 20.49
C LYS F 103 -30.53 -0.76 21.32
N VAL F 104 -29.94 -1.94 21.49
CA VAL F 104 -30.58 -3.04 22.19
C VAL F 104 -29.74 -3.40 23.41
N ASP F 105 -30.38 -3.46 24.58
CA ASP F 105 -29.73 -3.80 25.83
C ASP F 105 -30.47 -4.96 26.49
N ILE F 106 -29.73 -5.76 27.25
CA ILE F 106 -30.28 -6.93 27.95
C ILE F 106 -30.85 -6.50 29.29
N LYS F 107 -31.99 -7.09 29.67
CA LYS F 107 -32.57 -6.94 31.00
C LYS F 107 -32.25 -8.21 31.78
N ARG F 108 -31.18 -8.16 32.57
CA ARG F 108 -30.77 -9.29 33.39
C ARG F 108 -31.07 -9.03 34.87
N THR F 109 -30.46 -9.81 35.75
CA THR F 109 -30.65 -9.69 37.19
C THR F 109 -29.68 -8.69 37.79
N VAL F 110 -29.92 -8.34 39.05
CA VAL F 110 -29.14 -7.31 39.72
C VAL F 110 -27.76 -7.87 40.07
N ALA F 111 -26.73 -7.08 39.82
CA ALA F 111 -25.36 -7.45 40.11
C ALA F 111 -24.66 -6.30 40.81
N ALA F 112 -24.08 -6.57 41.98
CA ALA F 112 -23.37 -5.54 42.72
C ALA F 112 -21.96 -5.36 42.15
N PRO F 113 -21.45 -4.13 42.12
CA PRO F 113 -20.12 -3.91 41.55
C PRO F 113 -19.02 -4.28 42.53
N SER F 114 -17.90 -4.73 41.96
CA SER F 114 -16.67 -4.90 42.72
C SER F 114 -15.85 -3.62 42.61
N VAL F 115 -15.53 -3.03 43.75
CA VAL F 115 -14.93 -1.70 43.80
C VAL F 115 -13.44 -1.82 44.10
N PHE F 116 -12.63 -1.13 43.30
CA PHE F 116 -11.19 -1.04 43.51
C PHE F 116 -10.76 0.41 43.32
N ILE F 117 -9.72 0.81 44.05
CA ILE F 117 -9.17 2.15 43.97
C ILE F 117 -7.67 2.06 43.73
N PHE F 118 -7.15 2.96 42.90
CA PHE F 118 -5.74 2.93 42.50
C PHE F 118 -5.09 4.28 42.74
N PRO F 119 -4.01 4.36 43.50
CA PRO F 119 -3.27 5.62 43.65
C PRO F 119 -2.55 5.97 42.37
N PRO F 120 -2.14 7.23 42.21
CA PRO F 120 -1.31 7.58 41.04
C PRO F 120 0.07 6.95 41.16
N SER F 121 0.58 6.47 40.03
CA SER F 121 1.89 5.85 40.01
C SER F 121 2.96 6.87 40.39
N ASP F 122 4.01 6.38 41.07
CA ASP F 122 5.16 7.23 41.36
C ASP F 122 5.80 7.78 40.10
N GLU F 123 5.62 7.09 38.96
CA GLU F 123 6.13 7.59 37.69
C GLU F 123 5.35 8.84 37.26
N GLN F 124 4.03 8.81 37.36
CA GLN F 124 3.23 9.96 36.96
C GLN F 124 3.42 11.14 37.91
N LEU F 125 3.62 10.85 39.20
CA LEU F 125 3.86 11.94 40.16
C LEU F 125 5.11 12.73 39.81
N LYS F 126 6.06 12.11 39.11
CA LYS F 126 7.23 12.84 38.63
C LYS F 126 6.87 13.83 37.54
N SER F 127 5.73 13.65 36.86
CA SER F 127 5.28 14.56 35.82
C SER F 127 4.53 15.77 36.38
N GLY F 128 4.37 15.87 37.70
CA GLY F 128 3.63 16.96 38.29
C GLY F 128 2.13 16.78 38.32
N THR F 129 1.62 15.64 37.85
CA THR F 129 0.19 15.39 37.78
C THR F 129 -0.12 14.06 38.48
N ALA F 130 -1.26 14.01 39.16
CA ALA F 130 -1.72 12.81 39.84
C ALA F 130 -3.11 12.45 39.33
N SER F 131 -3.31 11.15 39.08
CA SER F 131 -4.58 10.63 38.59
C SER F 131 -5.00 9.44 39.45
N VAL F 132 -6.07 9.61 40.22
CA VAL F 132 -6.64 8.54 41.04
C VAL F 132 -7.83 7.94 40.30
N VAL F 133 -7.89 6.61 40.25
CA VAL F 133 -8.87 5.88 39.46
C VAL F 133 -9.69 5.00 40.40
N CYS F 134 -11.01 5.01 40.20
CA CYS F 134 -11.93 4.17 40.95
C CYS F 134 -12.65 3.25 39.98
N LEU F 135 -12.72 1.97 40.31
CA LEU F 135 -13.21 0.94 39.40
C LEU F 135 -14.49 0.32 39.94
N LEU F 136 -15.50 0.21 39.07
CA LEU F 136 -16.73 -0.54 39.33
C LEU F 136 -16.83 -1.60 38.25
N ASN F 137 -16.67 -2.87 38.61
CA ASN F 137 -16.53 -3.95 37.65
C ASN F 137 -17.75 -4.87 37.68
N ASN F 138 -18.33 -5.11 36.49
CA ASN F 138 -19.37 -6.11 36.28
C ASN F 138 -20.54 -5.94 37.23
N PHE F 139 -21.40 -4.96 36.95
CA PHE F 139 -22.59 -4.71 37.73
C PHE F 139 -23.76 -4.47 36.80
N TYR F 140 -24.96 -4.45 37.38
CA TYR F 140 -26.17 -4.15 36.61
C TYR F 140 -27.24 -3.69 37.59
N PRO F 141 -28.04 -2.67 37.25
CA PRO F 141 -28.00 -1.91 35.99
C PRO F 141 -26.87 -0.89 35.91
N ARG F 142 -26.84 -0.13 34.81
CA ARG F 142 -25.77 0.84 34.58
C ARG F 142 -25.79 1.99 35.57
N GLU F 143 -26.95 2.31 36.16
CA GLU F 143 -27.06 3.42 37.08
C GLU F 143 -26.14 3.20 38.29
N ALA F 144 -25.17 4.08 38.45
CA ALA F 144 -24.23 4.01 39.56
C ALA F 144 -23.75 5.41 39.89
N LYS F 145 -23.68 5.73 41.18
CA LYS F 145 -23.20 7.03 41.65
C LYS F 145 -21.83 6.84 42.29
N VAL F 146 -20.83 7.51 41.74
CA VAL F 146 -19.48 7.50 42.28
C VAL F 146 -19.21 8.85 42.91
N GLN F 147 -18.74 8.83 44.16
CA GLN F 147 -18.54 10.03 44.97
C GLN F 147 -17.13 10.04 45.52
N TRP F 148 -16.34 11.03 45.12
CA TRP F 148 -14.98 11.15 45.59
C TRP F 148 -14.93 11.93 46.90
N LYS F 149 -14.18 11.40 47.86
CA LYS F 149 -13.99 12.04 49.15
C LYS F 149 -12.50 12.16 49.42
N VAL F 150 -12.03 13.39 49.63
CA VAL F 150 -10.63 13.70 49.87
C VAL F 150 -10.57 14.32 51.25
N ASP F 151 -10.06 13.54 52.23
CA ASP F 151 -10.15 13.90 53.64
C ASP F 151 -11.59 14.15 54.05
N ASN F 152 -12.49 13.29 53.57
CA ASN F 152 -13.94 13.35 53.79
C ASN F 152 -14.59 14.54 53.09
N ALA F 153 -13.88 15.24 52.21
CA ALA F 153 -14.46 16.36 51.48
C ALA F 153 -14.97 15.87 50.13
N LEU F 154 -16.22 16.20 49.83
CA LEU F 154 -16.86 15.75 48.59
C LEU F 154 -16.31 16.54 47.42
N GLN F 155 -15.64 15.84 46.50
CA GLN F 155 -15.06 16.47 45.32
C GLN F 155 -16.03 16.41 44.15
N SER F 156 -16.00 17.44 43.31
CA SER F 156 -16.86 17.51 42.14
C SER F 156 -16.22 18.39 41.08
N GLY F 157 -16.43 18.02 39.82
CA GLY F 157 -15.94 18.79 38.70
C GLY F 157 -14.53 18.46 38.26
N ASN F 158 -13.75 17.78 39.10
CA ASN F 158 -12.38 17.40 38.80
C ASN F 158 -12.24 15.92 38.47
N SER F 159 -13.35 15.25 38.17
CA SER F 159 -13.36 13.83 37.90
C SER F 159 -14.09 13.56 36.59
N GLN F 160 -13.61 12.55 35.85
CA GLN F 160 -14.27 12.09 34.65
C GLN F 160 -14.47 10.59 34.75
N GLU F 161 -15.68 10.13 34.47
CA GLU F 161 -16.01 8.72 34.55
C GLU F 161 -16.35 8.18 33.17
N SER F 162 -16.17 6.87 33.01
CA SER F 162 -16.33 6.20 31.73
C SER F 162 -16.93 4.82 31.96
N VAL F 163 -17.89 4.45 31.10
CA VAL F 163 -18.62 3.20 31.25
C VAL F 163 -18.50 2.39 29.98
N THR F 164 -18.31 1.08 30.13
CA THR F 164 -18.23 0.15 29.02
C THR F 164 -19.61 -0.12 28.44
N GLU F 165 -19.63 -0.88 27.34
CA GLU F 165 -20.86 -1.43 26.80
C GLU F 165 -21.19 -2.73 27.50
N GLN F 166 -22.46 -3.15 27.38
CA GLN F 166 -22.90 -4.39 27.99
C GLN F 166 -22.06 -5.55 27.49
N ASP F 167 -21.41 -6.26 28.41
CA ASP F 167 -20.60 -7.41 28.03
C ASP F 167 -21.45 -8.42 27.29
N SER F 168 -21.01 -8.82 26.09
CA SER F 168 -21.79 -9.74 25.27
C SER F 168 -22.00 -11.10 25.95
N LYS F 169 -21.36 -11.34 27.09
CA LYS F 169 -21.51 -12.59 27.82
C LYS F 169 -22.51 -12.45 28.96
N ASP F 170 -22.11 -11.78 30.04
CA ASP F 170 -22.94 -11.65 31.23
C ASP F 170 -23.82 -10.41 31.21
N SER F 171 -23.73 -9.58 30.17
CA SER F 171 -24.59 -8.39 30.02
C SER F 171 -24.43 -7.42 31.20
N THR F 172 -23.20 -7.29 31.67
CA THR F 172 -22.88 -6.40 32.78
C THR F 172 -22.02 -5.24 32.29
N TYR F 173 -22.17 -4.09 32.96
CA TYR F 173 -21.40 -2.91 32.68
C TYR F 173 -20.21 -2.81 33.63
N SER F 174 -19.29 -1.89 33.31
CA SER F 174 -18.17 -1.56 34.17
C SER F 174 -17.89 -0.07 34.06
N LEU F 175 -17.57 0.55 35.18
CA LEU F 175 -17.42 2.00 35.24
C LEU F 175 -16.01 2.36 35.72
N SER F 176 -15.45 3.40 35.12
CA SER F 176 -14.12 3.90 35.47
C SER F 176 -14.21 5.40 35.70
N SER F 177 -13.97 5.84 36.94
CA SER F 177 -13.99 7.25 37.30
C SER F 177 -12.56 7.69 37.61
N THR F 178 -12.10 8.71 36.89
CA THR F 178 -10.72 9.18 36.98
C THR F 178 -10.69 10.56 37.60
N LEU F 179 -10.01 10.69 38.74
CA LEU F 179 -9.82 11.97 39.42
C LEU F 179 -8.43 12.50 39.10
N THR F 180 -8.36 13.75 38.66
CA THR F 180 -7.11 14.37 38.22
C THR F 180 -6.76 15.54 39.13
N LEU F 181 -5.58 15.47 39.75
CA LEU F 181 -5.07 16.54 40.58
C LEU F 181 -3.61 16.81 40.19
N SER F 182 -3.14 18.00 40.56
CA SER F 182 -1.72 18.29 40.45
C SER F 182 -0.95 17.57 41.54
N LYS F 183 0.35 17.39 41.32
CA LYS F 183 1.20 16.80 42.34
C LYS F 183 1.15 17.61 43.63
N ALA F 184 1.02 18.93 43.52
CA ALA F 184 0.87 19.77 44.70
C ALA F 184 -0.45 19.49 45.41
N ASP F 185 -1.58 19.66 44.70
CA ASP F 185 -2.87 19.44 45.32
C ASP F 185 -3.05 18.01 45.79
N TYR F 186 -2.37 17.06 45.15
CA TYR F 186 -2.41 15.68 45.61
C TYR F 186 -1.69 15.53 46.95
N GLU F 187 -0.58 16.23 47.13
CA GLU F 187 0.21 16.12 48.35
C GLU F 187 -0.30 17.03 49.48
N LYS F 188 -1.41 17.74 49.27
CA LYS F 188 -2.02 18.54 50.33
C LYS F 188 -3.04 17.74 51.14
N HIS F 189 -3.29 16.49 50.79
CA HIS F 189 -4.29 15.68 51.46
C HIS F 189 -3.76 14.28 51.70
N LYS F 190 -4.36 13.60 52.69
CA LYS F 190 -3.90 12.29 53.14
C LYS F 190 -4.87 11.17 52.79
N VAL F 191 -6.17 11.36 52.98
CA VAL F 191 -7.16 10.30 52.80
C VAL F 191 -7.87 10.51 51.46
N TYR F 192 -7.78 9.50 50.60
CA TYR F 192 -8.45 9.48 49.31
C TYR F 192 -9.34 8.25 49.24
N ALA F 193 -10.58 8.43 48.76
CA ALA F 193 -11.54 7.34 48.72
C ALA F 193 -12.63 7.67 47.71
N CYS F 194 -13.27 6.61 47.20
CA CYS F 194 -14.43 6.76 46.34
C CYS F 194 -15.59 5.96 46.94
N GLU F 195 -16.75 6.61 47.01
CA GLU F 195 -17.95 6.05 47.62
C GLU F 195 -18.92 5.65 46.53
N VAL F 196 -19.18 4.35 46.40
CA VAL F 196 -20.04 3.80 45.35
C VAL F 196 -21.38 3.45 45.95
N THR F 197 -22.45 4.00 45.38
CA THR F 197 -23.82 3.66 45.74
C THR F 197 -24.48 2.98 44.55
N HIS F 198 -25.12 1.84 44.80
CA HIS F 198 -25.69 1.04 43.72
C HIS F 198 -26.86 0.24 44.25
N GLN F 199 -27.73 -0.17 43.32
CA GLN F 199 -28.93 -0.93 43.68
C GLN F 199 -28.57 -2.28 44.29
N GLY F 200 -27.54 -2.93 43.77
CA GLY F 200 -27.15 -4.22 44.29
C GLY F 200 -26.40 -4.18 45.59
N LEU F 201 -26.33 -3.01 46.23
CA LEU F 201 -25.64 -2.81 47.48
C LEU F 201 -26.64 -2.37 48.55
N SER F 202 -26.62 -3.05 49.70
CA SER F 202 -27.48 -2.67 50.81
C SER F 202 -27.05 -1.36 51.44
N SER F 203 -25.81 -0.93 51.20
CA SER F 203 -25.29 0.33 51.71
C SER F 203 -24.10 0.73 50.87
N PRO F 204 -23.79 2.02 50.76
CA PRO F 204 -22.69 2.44 49.88
C PRO F 204 -21.37 1.86 50.33
N VAL F 205 -20.58 1.39 49.36
CA VAL F 205 -19.30 0.76 49.61
C VAL F 205 -18.19 1.77 49.31
N THR F 206 -17.18 1.80 50.18
CA THR F 206 -16.09 2.77 50.07
C THR F 206 -14.76 2.05 50.10
N LYS F 207 -13.89 2.39 49.16
CA LYS F 207 -12.51 1.93 49.15
C LYS F 207 -11.60 3.14 49.29
N SER F 208 -10.65 3.07 50.22
CA SER F 208 -9.82 4.21 50.57
C SER F 208 -8.35 3.81 50.60
N PHE F 209 -7.50 4.82 50.64
CA PHE F 209 -6.07 4.64 50.84
C PHE F 209 -5.50 5.94 51.38
N ASN F 210 -4.36 5.81 52.05
CA ASN F 210 -3.65 6.96 52.60
C ASN F 210 -2.40 7.22 51.76
N ARG F 211 -2.18 8.49 51.43
CA ARG F 211 -1.06 8.87 50.58
C ARG F 211 0.26 8.58 51.28
N GLY F 212 1.08 7.73 50.66
CA GLY F 212 2.38 7.37 51.21
C GLY F 212 2.43 5.97 51.78
N GLU F 213 1.35 5.53 52.43
CA GLU F 213 1.32 4.22 53.07
C GLU F 213 1.02 3.12 52.07
C1 NAG G . -0.08 13.78 -48.85
C2 NAG G . -1.32 14.67 -48.94
C3 NAG G . -2.55 13.84 -49.30
C4 NAG G . -2.30 13.02 -50.56
C5 NAG G . -1.04 12.19 -50.39
C6 NAG G . -0.61 11.49 -51.66
C7 NAG G . -1.52 16.73 -47.63
C8 NAG G . -1.75 17.32 -46.27
N2 NAG G . -1.53 15.39 -47.69
O3 NAG G . -3.64 14.74 -49.48
O4 NAG G . -3.36 12.10 -50.83
O5 NAG G . 0.07 13.03 -50.05
O6 NAG G . 0.33 12.31 -52.33
O7 NAG G . -1.34 17.43 -48.62
C1 NAG G . -4.61 12.63 -51.32
C2 NAG G . -5.35 11.59 -52.18
C3 NAG G . -6.76 12.06 -52.52
C4 NAG G . -7.51 12.44 -51.25
C5 NAG G . -6.72 13.51 -50.51
C6 NAG G . -7.36 13.94 -49.21
C7 NAG G . -4.48 10.07 -53.90
C8 NAG G . -3.72 9.96 -55.19
N2 NAG G . -4.61 11.31 -53.40
O3 NAG G . -7.46 11.03 -53.20
O4 NAG G . -8.80 12.94 -51.58
O5 NAG G . -5.43 13.00 -50.19
O6 NAG G . -6.59 14.94 -48.57
O7 NAG G . -4.95 9.09 -53.34
C1 FUC G . 0.93 11.70 -53.49
C2 FUC G . 0.15 12.18 -54.68
C3 FUC G . 0.05 13.71 -54.62
C4 FUC G . 1.46 14.33 -54.56
C5 FUC G . 2.33 13.61 -53.50
C6 FUC G . 3.81 13.95 -53.58
O2 FUC G . -1.13 11.60 -54.76
O3 FUC G . -0.60 14.21 -55.79
O4 FUC G . 2.08 14.22 -55.84
O5 FUC G . 2.22 12.16 -53.58
#